data_7V2B
#
_entry.id   7V2B
#
_cell.length_a   118.639
_cell.length_b   118.639
_cell.length_c   78.255
_cell.angle_alpha   90.00
_cell.angle_beta   90.00
_cell.angle_gamma   120.00
#
_symmetry.space_group_name_H-M   'P 31'
#
loop_
_entity.id
_entity.type
_entity.pdbx_description
1 polymer VpsR
2 non-polymer "GUANOSINE-5'-TRIPHOSPHATE"
#
_entity_poly.entity_id   1
_entity_poly.type   'polypeptide(L)'
_entity_poly.pdbx_seq_one_letter_code
;HHHHHHSSGLVPRGSHMMSTQFRMDSVPGSLVVVGGTYEPWLPVLEKVGWRCTQVADLRKPDALFVETGPCIGIVDLSHD
EFSLNGIANLVSSHKQVRWLAFIREAQLSSDTICQFIVNFCIDFFTAPIPDAQLLSTIGHQLGMLKLEKKVWPHFGSAGN
MGLIGESMPMKRLRDQIKRIGPTDVSILIYGESGTGKETVAKAIHKTSSRAQKPFISVNCRAMSEKRLESELFGLGETEE
GQQPFLLQADGGTLLLNDILTLPKSQQLNLLRFLQEGTVETRQGVRAVDVRILAANSSDIEKALIDGDFNEELYHYINVL
RINVPSLKERASDIVLLAKHFLQEYSKEYNAQARSFSDDAVRGLTRYHWPGNVRELMNQIKRVVLMSDTVVLDESQLDL
;
_entity_poly.pdbx_strand_id   A,D
#
loop_
_chem_comp.id
_chem_comp.type
_chem_comp.name
_chem_comp.formula
GTP non-polymer GUANOSINE-5'-TRIPHOSPHATE 'C10 H16 N5 O14 P3'
#
# COMPACT_ATOMS: atom_id res chain seq x y z
N ASP A 25 -28.92 13.07 -3.75
CA ASP A 25 -28.27 14.36 -3.70
C ASP A 25 -27.69 14.63 -2.30
N SER A 26 -26.39 14.91 -2.24
CA SER A 26 -25.71 15.18 -0.97
C SER A 26 -24.40 15.92 -1.18
N VAL A 27 -23.73 16.23 -0.07
CA VAL A 27 -22.48 16.99 -0.12
C VAL A 27 -21.54 16.62 1.04
N PRO A 28 -21.09 15.36 1.10
CA PRO A 28 -20.33 15.04 2.32
C PRO A 28 -18.89 15.56 2.26
N GLY A 29 -18.48 16.27 3.31
CA GLY A 29 -17.13 16.79 3.42
C GLY A 29 -16.75 17.07 4.86
N SER A 30 -15.94 16.20 5.46
CA SER A 30 -15.62 16.33 6.86
C SER A 30 -14.21 16.86 7.09
N LEU A 31 -13.97 17.42 8.29
CA LEU A 31 -12.66 17.97 8.64
C LEU A 31 -12.37 17.67 10.10
N VAL A 32 -11.11 17.38 10.40
CA VAL A 32 -10.74 16.96 11.76
C VAL A 32 -9.89 17.97 12.52
N VAL A 33 -10.45 18.50 13.61
CA VAL A 33 -9.74 19.40 14.50
C VAL A 33 -10.38 19.44 15.90
N VAL A 34 -9.55 19.51 16.93
CA VAL A 34 -10.04 19.72 18.28
C VAL A 34 -10.61 21.14 18.36
N GLY A 35 -9.73 22.12 18.17
CA GLY A 35 -10.16 23.50 18.21
C GLY A 35 -11.10 23.81 17.06
N GLY A 36 -12.39 23.84 17.37
CA GLY A 36 -13.41 24.19 16.41
C GLY A 36 -13.37 25.66 16.07
N THR A 37 -12.55 26.40 16.82
CA THR A 37 -12.40 27.83 16.59
C THR A 37 -11.77 28.15 15.24
N TYR A 38 -11.33 27.13 14.50
CA TYR A 38 -10.89 27.35 13.13
C TYR A 38 -12.09 27.46 12.20
N GLU A 39 -13.14 28.08 12.73
CA GLU A 39 -14.30 28.51 11.97
C GLU A 39 -13.95 29.26 10.67
N PRO A 40 -13.31 30.45 10.74
CA PRO A 40 -13.19 31.43 9.65
C PRO A 40 -13.62 31.00 8.24
N TRP A 41 -13.28 29.79 7.84
CA TRP A 41 -13.62 29.29 6.52
C TRP A 41 -14.77 28.28 6.56
N LEU A 42 -15.17 27.89 7.76
CA LEU A 42 -16.27 26.93 7.94
C LEU A 42 -17.65 27.53 7.59
N PRO A 43 -17.97 28.74 8.05
CA PRO A 43 -19.31 29.24 7.68
C PRO A 43 -19.36 29.60 6.20
N VAL A 44 -18.22 30.02 5.65
CA VAL A 44 -18.12 30.29 4.22
C VAL A 44 -18.33 28.99 3.43
N LEU A 45 -18.32 27.87 4.13
CA LEU A 45 -18.70 26.60 3.54
C LEU A 45 -20.09 26.22 4.03
N GLU A 46 -20.35 26.53 5.30
CA GLU A 46 -21.63 26.21 5.93
C GLU A 46 -22.79 27.04 5.38
N LYS A 47 -22.57 28.33 5.18
CA LYS A 47 -23.65 29.24 4.81
C LYS A 47 -24.00 29.16 3.33
N VAL A 48 -23.16 28.50 2.55
CA VAL A 48 -23.45 28.28 1.13
C VAL A 48 -24.15 26.92 0.98
N GLY A 49 -24.27 26.21 2.10
CA GLY A 49 -25.00 24.96 2.14
C GLY A 49 -24.14 23.75 1.87
N TRP A 50 -23.19 23.48 2.76
CA TRP A 50 -22.34 22.30 2.64
C TRP A 50 -22.30 21.53 3.96
N ARG A 51 -22.26 20.20 3.85
CA ARG A 51 -22.22 19.32 5.00
C ARG A 51 -20.82 19.14 5.59
N CYS A 52 -20.38 20.12 6.37
CA CYS A 52 -19.08 20.03 7.02
C CYS A 52 -19.22 19.39 8.41
N THR A 53 -18.69 18.19 8.58
CA THR A 53 -18.73 17.50 9.86
C THR A 53 -17.35 17.59 10.50
N GLN A 54 -17.27 17.54 11.82
CA GLN A 54 -15.98 17.78 12.48
C GLN A 54 -15.65 16.83 13.64
N VAL A 55 -14.44 16.28 13.60
CA VAL A 55 -13.95 15.35 14.61
C VAL A 55 -12.76 15.91 15.40
N ALA A 56 -12.68 15.56 16.69
CA ALA A 56 -11.65 16.13 17.56
C ALA A 56 -10.51 15.15 17.82
N ASP A 57 -10.85 13.90 18.07
CA ASP A 57 -9.83 12.88 18.31
C ASP A 57 -9.08 12.55 17.04
N LEU A 58 -8.15 11.61 17.13
CA LEU A 58 -7.54 11.04 15.94
C LEU A 58 -8.04 9.61 15.81
N ARG A 59 -8.46 9.05 16.94
CA ARG A 59 -9.07 7.73 16.97
C ARG A 59 -10.46 7.76 16.36
N LYS A 60 -11.27 8.76 16.73
CA LYS A 60 -12.62 8.89 16.19
C LYS A 60 -12.63 8.99 14.65
N PRO A 61 -11.84 9.91 14.07
CA PRO A 61 -11.92 10.03 12.61
C PRO A 61 -11.39 8.81 11.86
N ASP A 62 -10.60 7.97 12.51
CA ASP A 62 -10.18 6.73 11.88
C ASP A 62 -11.40 5.86 11.63
N ALA A 63 -12.20 5.67 12.67
CA ALA A 63 -13.47 4.96 12.55
C ALA A 63 -14.38 5.65 11.55
N LEU A 64 -14.46 6.97 11.66
CA LEU A 64 -15.33 7.77 10.81
C LEU A 64 -14.99 7.64 9.33
N PHE A 65 -13.70 7.60 9.03
CA PHE A 65 -13.25 7.63 7.64
C PHE A 65 -13.28 6.26 6.98
N VAL A 66 -13.07 5.21 7.76
CA VAL A 66 -13.08 3.86 7.21
C VAL A 66 -14.48 3.45 6.76
N GLU A 67 -15.50 4.10 7.32
CA GLU A 67 -16.87 3.74 7.03
C GLU A 67 -17.56 4.70 6.06
N THR A 68 -17.15 5.97 6.09
CA THR A 68 -17.80 7.01 5.31
C THR A 68 -17.49 6.89 3.82
N GLY A 69 -16.44 6.14 3.49
CA GLY A 69 -16.05 5.97 2.09
C GLY A 69 -15.64 7.27 1.43
N PRO A 70 -15.98 7.42 0.14
CA PRO A 70 -15.60 8.60 -0.66
C PRO A 70 -16.11 9.93 -0.12
N CYS A 71 -15.20 10.88 0.13
CA CYS A 71 -15.56 12.20 0.62
C CYS A 71 -14.40 13.19 0.50
N ILE A 72 -14.66 14.44 0.90
CA ILE A 72 -13.61 15.46 0.95
C ILE A 72 -13.20 15.69 2.40
N GLY A 73 -11.90 15.70 2.67
CA GLY A 73 -11.43 15.80 4.04
C GLY A 73 -10.35 16.83 4.31
N ILE A 74 -10.69 17.84 5.10
CA ILE A 74 -9.75 18.89 5.44
C ILE A 74 -9.07 18.58 6.78
N VAL A 75 -7.75 18.66 6.80
CA VAL A 75 -7.00 18.35 8.02
C VAL A 75 -6.38 19.62 8.59
N ASP A 76 -6.85 20.03 9.76
CA ASP A 76 -6.35 21.25 10.35
C ASP A 76 -5.09 20.98 11.16
N LEU A 77 -3.95 20.94 10.47
CA LEU A 77 -2.66 20.83 11.13
C LEU A 77 -2.35 22.07 11.95
N SER A 78 -2.25 23.20 11.25
CA SER A 78 -1.81 24.46 11.83
C SER A 78 -0.49 24.27 12.57
N HIS A 79 -0.34 25.01 13.66
CA HIS A 79 0.74 24.76 14.61
C HIS A 79 0.19 23.89 15.74
N ASP A 80 -1.03 23.44 15.54
CA ASP A 80 -1.85 22.95 16.65
C ASP A 80 -1.55 21.56 17.20
N GLU A 81 -2.48 20.61 17.01
CA GLU A 81 -2.58 19.50 17.96
C GLU A 81 -2.69 18.04 17.42
N PHE A 82 -1.99 17.71 16.35
CA PHE A 82 -1.94 16.31 15.91
C PHE A 82 -0.52 15.82 15.60
N SER A 83 -0.23 14.60 15.99
CA SER A 83 1.06 13.98 15.69
C SER A 83 1.18 13.71 14.19
N LEU A 84 2.30 14.14 13.61
CA LEU A 84 2.54 13.94 12.19
C LEU A 84 2.63 12.47 11.83
N ASN A 85 3.04 11.65 12.80
CA ASN A 85 2.96 10.21 12.64
C ASN A 85 1.49 9.80 12.60
N GLY A 86 0.73 10.27 13.59
CA GLY A 86 -0.69 9.98 13.67
C GLY A 86 -1.49 10.46 12.46
N ILE A 87 -1.19 11.66 11.99
CA ILE A 87 -1.88 12.19 10.81
C ILE A 87 -1.51 11.46 9.52
N ALA A 88 -0.21 11.34 9.27
CA ALA A 88 0.29 10.65 8.08
C ALA A 88 -0.32 9.25 8.00
N ASN A 89 -0.29 8.55 9.13
CA ASN A 89 -0.92 7.24 9.23
C ASN A 89 -2.38 7.30 8.79
N LEU A 90 -3.18 8.11 9.46
CA LEU A 90 -4.59 8.29 9.12
C LEU A 90 -4.82 8.58 7.66
N VAL A 91 -4.08 9.56 7.15
CA VAL A 91 -4.16 9.99 5.75
C VAL A 91 -3.83 8.84 4.81
N SER A 92 -3.05 7.88 5.29
CA SER A 92 -2.63 6.77 4.45
C SER A 92 -3.26 5.44 4.89
N SER A 93 -3.84 5.40 6.08
CA SER A 93 -4.39 4.16 6.63
C SER A 93 -5.58 3.67 5.81
N HIS A 94 -5.28 3.16 4.61
CA HIS A 94 -6.26 2.56 3.71
C HIS A 94 -7.29 3.56 3.18
N LYS A 95 -7.18 4.84 3.55
CA LYS A 95 -8.02 5.85 2.93
C LYS A 95 -7.31 6.37 1.68
N GLN A 96 -6.88 5.45 0.82
CA GLN A 96 -5.89 5.74 -0.21
C GLN A 96 -6.49 6.39 -1.45
N VAL A 97 -7.74 6.04 -1.74
CA VAL A 97 -8.43 6.55 -2.92
C VAL A 97 -9.83 7.02 -2.54
N ARG A 98 -10.36 6.40 -1.48
CA ARG A 98 -11.67 6.76 -0.96
C ARG A 98 -11.72 8.15 -0.35
N TRP A 99 -10.63 8.90 -0.41
CA TRP A 99 -10.66 10.15 0.32
C TRP A 99 -9.75 11.18 -0.34
N LEU A 100 -10.37 12.24 -0.84
CA LEU A 100 -9.64 13.28 -1.55
C LEU A 100 -9.20 14.28 -0.49
N ALA A 101 -7.89 14.30 -0.24
CA ALA A 101 -7.30 14.94 0.94
C ALA A 101 -7.13 16.45 0.85
N PHE A 102 -7.28 17.13 1.99
CA PHE A 102 -7.15 18.59 2.10
C PHE A 102 -6.59 18.98 3.45
N ILE A 103 -5.76 20.03 3.51
CA ILE A 103 -5.15 20.42 4.79
C ILE A 103 -5.10 21.93 5.04
N ARG A 104 -5.34 22.29 6.30
CA ARG A 104 -5.42 23.68 6.75
C ARG A 104 -4.31 23.99 7.74
N GLU A 105 -3.67 25.15 7.59
CA GLU A 105 -2.58 25.54 8.46
C GLU A 105 -2.42 27.06 8.56
N ALA A 106 -1.71 27.51 9.59
CA ALA A 106 -1.53 28.94 9.80
C ALA A 106 -0.44 29.45 8.87
N GLN A 107 -0.67 30.66 8.35
CA GLN A 107 0.19 31.35 7.40
C GLN A 107 1.68 30.97 7.42
N LEU A 108 2.21 30.74 8.62
CA LEU A 108 3.64 30.56 8.83
C LEU A 108 4.10 29.14 9.13
N SER A 109 3.37 28.13 8.65
CA SER A 109 3.79 26.74 8.84
C SER A 109 4.94 26.41 7.89
N SER A 110 4.71 25.44 7.00
CA SER A 110 5.66 25.07 5.95
C SER A 110 7.01 24.56 6.47
N ASP A 111 8.08 24.94 5.75
CA ASP A 111 9.43 24.38 5.88
C ASP A 111 9.55 22.92 6.37
N THR A 112 9.21 22.67 7.63
CA THR A 112 9.51 21.37 8.25
C THR A 112 8.86 20.16 7.61
N ILE A 113 7.54 20.13 7.59
CA ILE A 113 6.87 18.95 7.05
C ILE A 113 5.88 19.35 5.95
N CYS A 114 6.45 19.91 4.88
CA CYS A 114 5.73 20.15 3.63
C CYS A 114 5.56 18.79 3.00
N GLN A 115 6.48 17.89 3.36
CA GLN A 115 6.50 16.52 2.88
C GLN A 115 5.17 15.83 3.11
N PHE A 116 4.39 16.29 4.09
CA PHE A 116 3.07 15.72 4.33
C PHE A 116 2.15 16.00 3.14
N ILE A 117 2.62 16.79 2.19
CA ILE A 117 1.86 16.99 0.98
C ILE A 117 2.55 16.16 -0.13
N VAL A 118 3.19 15.07 0.29
CA VAL A 118 3.54 14.00 -0.65
C VAL A 118 2.31 13.10 -0.74
N ASN A 119 1.54 13.07 0.35
CA ASN A 119 0.27 12.36 0.37
C ASN A 119 -0.77 13.13 -0.42
N PHE A 120 -0.46 13.37 -1.71
CA PHE A 120 -1.30 14.18 -2.61
C PHE A 120 -1.81 15.44 -1.93
N CYS A 121 -2.77 15.28 -1.04
CA CYS A 121 -3.38 16.37 -0.27
C CYS A 121 -4.04 17.42 -1.14
N ILE A 122 -4.03 17.19 -2.45
CA ILE A 122 -4.59 18.09 -3.45
C ILE A 122 -4.13 19.55 -3.31
N ASP A 123 -4.43 20.17 -2.17
CA ASP A 123 -4.10 21.58 -1.96
C ASP A 123 -4.21 21.91 -0.46
N PHE A 124 -4.00 23.18 -0.12
CA PHE A 124 -3.97 23.60 1.28
C PHE A 124 -4.49 25.02 1.51
N PHE A 125 -4.77 25.34 2.78
CA PHE A 125 -5.38 26.61 3.15
C PHE A 125 -4.43 27.59 3.82
N THR A 126 -4.15 28.69 3.13
CA THR A 126 -3.44 29.80 3.75
C THR A 126 -4.29 30.44 4.85
N ALA A 127 -3.64 31.12 5.79
CA ALA A 127 -4.34 31.74 6.91
C ALA A 127 -5.47 32.70 6.50
N PRO A 128 -5.26 33.56 5.49
CA PRO A 128 -6.39 34.39 5.11
C PRO A 128 -7.56 33.59 4.53
N ILE A 129 -8.65 34.27 4.19
CA ILE A 129 -9.86 33.61 3.71
C ILE A 129 -10.24 34.07 2.31
N PRO A 130 -9.65 33.43 1.28
CA PRO A 130 -10.00 33.71 -0.11
C PRO A 130 -11.40 33.17 -0.43
N ASP A 131 -12.41 33.92 -0.01
CA ASP A 131 -13.82 33.52 -0.11
C ASP A 131 -14.20 32.82 -1.41
N ALA A 132 -13.90 33.44 -2.54
CA ALA A 132 -14.31 32.90 -3.83
C ALA A 132 -13.36 31.79 -4.29
N GLN A 133 -12.09 31.91 -3.92
CA GLN A 133 -11.09 30.91 -4.26
C GLN A 133 -11.27 29.67 -3.40
N LEU A 134 -11.69 29.89 -2.16
CA LEU A 134 -12.01 28.81 -1.24
C LEU A 134 -12.98 27.81 -1.87
N LEU A 135 -14.11 28.33 -2.35
CA LEU A 135 -15.11 27.49 -2.99
C LEU A 135 -14.61 26.96 -4.33
N SER A 136 -13.73 27.72 -4.98
CA SER A 136 -13.17 27.33 -6.26
C SER A 136 -12.44 26.00 -6.16
N THR A 137 -11.48 25.91 -5.23
CA THR A 137 -10.70 24.69 -5.06
C THR A 137 -11.57 23.58 -4.51
N ILE A 138 -12.34 23.87 -3.47
CA ILE A 138 -13.19 22.88 -2.83
C ILE A 138 -14.34 22.42 -3.71
N GLY A 139 -15.01 23.36 -4.35
CA GLY A 139 -16.13 23.04 -5.23
C GLY A 139 -15.72 22.18 -6.40
N HIS A 140 -14.57 22.51 -7.01
CA HIS A 140 -14.06 21.71 -8.12
C HIS A 140 -13.81 20.29 -7.63
N GLN A 141 -13.31 20.17 -6.40
CA GLN A 141 -13.08 18.85 -5.82
C GLN A 141 -14.41 18.26 -5.33
N LEU A 142 -15.35 19.13 -4.99
CA LEU A 142 -16.66 18.69 -4.58
C LEU A 142 -17.36 18.08 -5.79
N GLY A 143 -17.15 18.72 -6.93
CA GLY A 143 -17.68 18.25 -8.20
C GLY A 143 -17.07 16.90 -8.58
N MET A 144 -15.86 16.66 -8.10
CA MET A 144 -15.17 15.41 -8.35
C MET A 144 -15.76 14.32 -7.47
N LEU A 145 -16.09 14.71 -6.25
CA LEU A 145 -16.77 13.84 -5.30
C LEU A 145 -18.20 13.63 -5.78
N LYS A 146 -18.68 14.61 -6.55
CA LYS A 146 -20.01 14.58 -7.13
C LYS A 146 -20.10 13.53 -8.26
N LEU A 147 -18.98 13.28 -8.92
CA LEU A 147 -18.99 12.33 -10.03
C LEU A 147 -18.96 10.88 -9.54
N GLU A 148 -18.41 10.66 -8.37
CA GLU A 148 -18.59 9.38 -7.69
C GLU A 148 -20.05 9.32 -7.30
N LYS A 149 -20.51 10.42 -6.71
CA LYS A 149 -21.90 10.60 -6.29
C LYS A 149 -22.90 10.40 -7.43
N LYS A 150 -22.43 10.35 -8.67
CA LYS A 150 -23.30 10.17 -9.81
C LYS A 150 -23.76 8.72 -9.93
N VAL A 151 -22.83 7.77 -9.75
CA VAL A 151 -23.20 6.36 -9.76
C VAL A 151 -23.46 5.86 -8.32
N TRP A 152 -23.23 6.75 -7.36
CA TRP A 152 -23.36 6.49 -5.93
C TRP A 152 -24.75 6.60 -5.23
N PRO A 153 -25.76 7.28 -5.83
CA PRO A 153 -26.93 7.57 -4.96
C PRO A 153 -27.71 6.35 -4.44
N HIS A 154 -27.15 5.16 -4.61
CA HIS A 154 -27.62 3.98 -3.92
C HIS A 154 -27.27 4.10 -2.43
N PHE A 155 -26.08 4.67 -2.18
CA PHE A 155 -25.54 4.92 -0.84
C PHE A 155 -25.61 3.71 0.08
N GLY A 156 -24.50 2.98 0.16
CA GLY A 156 -24.40 1.80 1.00
C GLY A 156 -25.37 0.75 0.52
N SER A 157 -26.59 0.81 1.05
CA SER A 157 -27.67 -0.12 0.68
C SER A 157 -27.20 -1.57 0.74
N ALA A 158 -26.35 -1.86 1.73
CA ALA A 158 -25.73 -3.17 1.88
C ALA A 158 -24.89 -3.49 0.66
N GLY A 159 -25.54 -3.99 -0.39
CA GLY A 159 -24.88 -4.29 -1.65
C GLY A 159 -25.51 -5.46 -2.38
N ASN A 160 -25.11 -5.65 -3.64
CA ASN A 160 -25.68 -6.71 -4.47
C ASN A 160 -25.35 -8.10 -3.94
N MET A 161 -25.95 -8.43 -2.81
CA MET A 161 -25.84 -9.74 -2.14
C MET A 161 -24.41 -10.03 -1.64
N GLY A 162 -23.45 -9.26 -2.11
CA GLY A 162 -22.06 -9.44 -1.72
C GLY A 162 -21.50 -10.78 -2.15
N LEU A 163 -22.20 -11.42 -3.08
CA LEU A 163 -21.81 -12.70 -3.68
C LEU A 163 -21.14 -13.72 -2.73
N ILE A 164 -21.28 -13.52 -1.42
CA ILE A 164 -20.91 -14.53 -0.42
C ILE A 164 -21.58 -14.21 0.94
N GLY A 165 -21.22 -13.13 1.64
CA GLY A 165 -21.80 -12.83 2.93
C GLY A 165 -22.11 -11.35 3.16
N GLU A 166 -22.19 -10.94 4.44
CA GLU A 166 -22.55 -9.56 4.78
C GLU A 166 -22.39 -9.21 6.27
N SER A 167 -21.44 -8.33 6.58
CA SER A 167 -21.27 -7.82 7.94
C SER A 167 -21.05 -6.32 7.93
N MET A 168 -19.78 -5.92 8.03
CA MET A 168 -19.41 -4.50 7.99
C MET A 168 -18.03 -4.32 7.33
N PRO A 169 -17.05 -5.19 7.63
CA PRO A 169 -15.86 -5.19 6.77
C PRO A 169 -16.23 -5.51 5.33
N MET A 170 -17.25 -6.34 5.15
CA MET A 170 -17.75 -6.71 3.83
C MET A 170 -18.40 -5.54 3.12
N LYS A 171 -19.16 -4.74 3.88
CA LYS A 171 -19.79 -3.54 3.37
C LYS A 171 -18.73 -2.61 2.80
N ARG A 172 -17.62 -2.49 3.53
CA ARG A 172 -16.45 -1.75 3.10
C ARG A 172 -15.85 -2.33 1.81
N LEU A 173 -15.89 -3.65 1.70
CA LEU A 173 -15.41 -4.33 0.49
C LEU A 173 -16.26 -3.92 -0.70
N ARG A 174 -17.57 -4.03 -0.54
CA ARG A 174 -18.51 -3.59 -1.56
C ARG A 174 -18.30 -2.13 -1.93
N ASP A 175 -18.16 -1.29 -0.90
CA ASP A 175 -17.89 0.13 -1.07
C ASP A 175 -16.72 0.34 -2.04
N GLN A 176 -15.62 -0.36 -1.79
CA GLN A 176 -14.48 -0.35 -2.69
C GLN A 176 -14.86 -0.86 -4.08
N ILE A 177 -15.23 -2.14 -4.13
CA ILE A 177 -15.66 -2.81 -5.36
C ILE A 177 -16.58 -1.95 -6.21
N LYS A 178 -17.53 -1.30 -5.56
CA LYS A 178 -18.45 -0.39 -6.24
C LYS A 178 -17.71 0.74 -6.94
N ARG A 179 -16.73 1.33 -6.27
CA ARG A 179 -16.06 2.50 -6.82
C ARG A 179 -14.80 2.20 -7.65
N ILE A 180 -14.17 1.06 -7.42
CA ILE A 180 -12.99 0.68 -8.21
C ILE A 180 -13.33 -0.31 -9.31
N GLY A 181 -14.50 -0.94 -9.18
CA GLY A 181 -15.00 -1.87 -10.18
C GLY A 181 -15.07 -1.34 -11.60
N PRO A 182 -15.88 -0.28 -11.83
CA PRO A 182 -16.10 0.19 -13.20
C PRO A 182 -14.81 0.57 -13.92
N THR A 183 -13.87 1.22 -13.23
CA THR A 183 -12.61 1.65 -13.85
C THR A 183 -11.98 0.47 -14.56
N ASP A 184 -11.87 0.56 -15.88
CA ASP A 184 -11.39 -0.55 -16.72
C ASP A 184 -9.97 -1.01 -16.41
N VAL A 185 -9.31 -0.37 -15.46
CA VAL A 185 -7.92 -0.67 -15.15
C VAL A 185 -7.79 -1.95 -14.32
N SER A 186 -6.57 -2.48 -14.28
CA SER A 186 -6.26 -3.71 -13.55
C SER A 186 -6.33 -3.54 -12.03
N ILE A 187 -6.79 -4.58 -11.35
CA ILE A 187 -6.80 -4.60 -9.90
C ILE A 187 -6.04 -5.80 -9.36
N LEU A 188 -5.21 -5.58 -8.35
CA LEU A 188 -4.56 -6.67 -7.63
C LEU A 188 -5.40 -7.07 -6.43
N ILE A 189 -5.96 -8.27 -6.51
CA ILE A 189 -6.81 -8.80 -5.43
C ILE A 189 -6.03 -9.61 -4.42
N TYR A 190 -5.87 -9.07 -3.22
CA TYR A 190 -5.15 -9.79 -2.18
C TYR A 190 -6.05 -10.13 -1.00
N GLY A 191 -5.81 -11.29 -0.41
CA GLY A 191 -6.49 -11.74 0.78
C GLY A 191 -5.91 -13.07 1.19
N GLU A 192 -6.35 -13.60 2.32
CA GLU A 192 -5.89 -14.92 2.78
C GLU A 192 -6.43 -16.03 1.90
N SER A 193 -5.97 -17.25 2.14
CA SER A 193 -6.38 -18.37 1.31
C SER A 193 -7.85 -18.70 1.54
N GLY A 194 -8.58 -18.87 0.44
CA GLY A 194 -9.98 -19.24 0.50
C GLY A 194 -10.84 -18.14 1.08
N THR A 195 -10.73 -16.93 0.53
CA THR A 195 -11.41 -15.78 1.09
C THR A 195 -12.52 -15.26 0.20
N GLY A 196 -12.33 -15.36 -1.11
CA GLY A 196 -13.33 -14.88 -2.05
C GLY A 196 -12.75 -14.14 -3.24
N LYS A 197 -11.44 -14.19 -3.38
CA LYS A 197 -10.73 -13.45 -4.42
C LYS A 197 -11.37 -13.64 -5.80
N GLU A 198 -11.68 -14.89 -6.15
CA GLU A 198 -12.27 -15.18 -7.44
C GLU A 198 -13.72 -14.69 -7.50
N THR A 199 -14.46 -14.92 -6.42
CA THR A 199 -15.84 -14.45 -6.34
C THR A 199 -15.88 -12.93 -6.34
N VAL A 200 -14.83 -12.31 -5.81
CA VAL A 200 -14.68 -10.86 -5.86
C VAL A 200 -14.29 -10.41 -7.27
N ALA A 201 -13.38 -11.14 -7.88
CA ALA A 201 -12.99 -10.91 -9.27
C ALA A 201 -14.23 -10.86 -10.16
N LYS A 202 -15.08 -11.88 -10.03
CA LYS A 202 -16.34 -11.92 -10.74
C LYS A 202 -17.23 -10.73 -10.37
N ALA A 203 -17.21 -10.36 -9.09
CA ALA A 203 -18.05 -9.27 -8.59
C ALA A 203 -17.64 -7.91 -9.15
N ILE A 204 -16.34 -7.70 -9.33
CA ILE A 204 -15.87 -6.45 -9.90
C ILE A 204 -16.00 -6.49 -11.41
N HIS A 205 -15.95 -7.69 -11.97
CA HIS A 205 -16.15 -7.87 -13.40
C HIS A 205 -17.61 -7.62 -13.74
N LYS A 206 -18.48 -7.80 -12.75
CA LYS A 206 -19.90 -7.60 -12.97
C LYS A 206 -20.27 -6.14 -12.78
N THR A 207 -19.36 -5.38 -12.19
CA THR A 207 -19.52 -3.94 -12.08
C THR A 207 -18.93 -3.26 -13.32
N SER A 208 -17.97 -3.92 -13.95
CA SER A 208 -17.31 -3.43 -15.15
C SER A 208 -18.27 -3.30 -16.34
N SER A 209 -17.92 -2.44 -17.28
CA SER A 209 -18.69 -2.32 -18.52
C SER A 209 -18.45 -3.50 -19.46
N ARG A 210 -17.82 -4.54 -18.96
CA ARG A 210 -17.58 -5.73 -19.76
C ARG A 210 -18.07 -6.96 -19.00
N ALA A 211 -19.20 -6.79 -18.31
CA ALA A 211 -19.75 -7.84 -17.46
C ALA A 211 -20.42 -8.94 -18.28
N GLN A 212 -21.10 -8.52 -19.35
CA GLN A 212 -21.80 -9.44 -20.23
C GLN A 212 -20.76 -10.15 -21.12
N LYS A 213 -19.54 -9.65 -21.06
CA LYS A 213 -18.41 -10.21 -21.81
C LYS A 213 -17.75 -11.31 -20.98
N PRO A 214 -16.95 -12.18 -21.63
CA PRO A 214 -16.35 -13.35 -20.96
C PRO A 214 -15.62 -13.08 -19.64
N PHE A 215 -15.64 -14.07 -18.75
CA PHE A 215 -14.80 -14.06 -17.56
C PHE A 215 -14.00 -15.36 -17.55
N ILE A 216 -12.71 -15.27 -17.27
CA ILE A 216 -11.86 -16.45 -17.30
C ILE A 216 -10.91 -16.50 -16.12
N SER A 217 -11.31 -17.26 -15.11
CA SER A 217 -10.43 -17.60 -14.01
C SER A 217 -9.34 -18.54 -14.50
N VAL A 218 -8.14 -18.44 -13.91
CA VAL A 218 -7.04 -19.33 -14.27
C VAL A 218 -6.28 -19.76 -13.04
N ASN A 219 -6.20 -21.07 -12.81
CA ASN A 219 -5.47 -21.60 -11.68
C ASN A 219 -4.01 -21.78 -12.06
N CYS A 220 -3.21 -20.76 -11.81
CA CYS A 220 -1.81 -20.72 -12.24
C CYS A 220 -0.94 -21.69 -11.46
N ARG A 221 -1.32 -21.95 -10.21
CA ARG A 221 -0.51 -22.82 -9.36
C ARG A 221 -0.39 -24.22 -9.93
N ALA A 222 -1.48 -24.72 -10.50
CA ALA A 222 -1.53 -26.09 -10.99
C ALA A 222 -1.30 -26.15 -12.49
N MET A 223 -0.35 -25.36 -12.97
CA MET A 223 0.02 -25.37 -14.38
C MET A 223 1.51 -25.21 -14.51
N SER A 224 2.17 -26.16 -15.17
CA SER A 224 3.59 -26.04 -15.43
C SER A 224 3.83 -24.89 -16.39
N GLU A 225 5.05 -24.40 -16.42
CA GLU A 225 5.39 -23.24 -17.24
C GLU A 225 5.15 -23.47 -18.73
N LYS A 226 5.10 -24.74 -19.15
CA LYS A 226 4.86 -25.06 -20.55
C LYS A 226 3.37 -24.98 -20.88
N ARG A 227 2.51 -25.34 -19.93
CA ARG A 227 1.08 -25.13 -20.10
C ARG A 227 0.82 -23.64 -20.15
N LEU A 228 1.53 -22.90 -19.28
CA LEU A 228 1.48 -21.45 -19.27
C LEU A 228 1.97 -20.90 -20.61
N GLU A 229 2.97 -21.55 -21.19
CA GLU A 229 3.47 -21.14 -22.50
C GLU A 229 2.38 -21.16 -23.56
N SER A 230 1.55 -22.19 -23.56
CA SER A 230 0.54 -22.35 -24.61
C SER A 230 -0.64 -21.40 -24.48
N GLU A 231 -0.43 -20.28 -23.79
CA GLU A 231 -1.50 -19.33 -23.50
C GLU A 231 -1.21 -17.88 -23.92
N LEU A 232 0.04 -17.60 -24.28
CA LEU A 232 0.40 -16.21 -24.61
C LEU A 232 0.94 -15.82 -26.02
N PHE A 233 0.96 -16.67 -27.06
CA PHE A 233 0.36 -18.00 -27.17
C PHE A 233 1.42 -19.07 -26.97
N GLY A 234 2.69 -18.70 -27.11
CA GLY A 234 3.78 -19.62 -26.83
C GLY A 234 4.07 -20.60 -27.95
N LEU A 235 4.46 -21.80 -27.57
CA LEU A 235 4.77 -22.83 -28.56
C LEU A 235 4.00 -24.12 -28.32
N GLY A 236 4.64 -25.10 -27.70
CA GLY A 236 4.09 -26.44 -27.66
C GLY A 236 4.32 -27.07 -29.02
N GLU A 237 4.43 -28.40 -29.07
CA GLU A 237 4.67 -29.08 -30.34
C GLU A 237 3.47 -28.88 -31.26
N THR A 238 3.47 -27.79 -32.01
CA THR A 238 2.34 -27.42 -32.85
C THR A 238 2.73 -27.08 -34.29
N GLU A 239 1.86 -27.30 -35.30
CA GLU A 239 0.67 -28.18 -35.31
C GLU A 239 -0.40 -27.97 -34.24
N GLU A 240 -1.29 -27.01 -34.45
CA GLU A 240 -2.35 -26.78 -33.46
C GLU A 240 -3.66 -26.26 -34.04
N GLY A 241 -4.59 -25.93 -33.15
CA GLY A 241 -5.89 -25.39 -33.47
C GLY A 241 -6.39 -24.76 -32.19
N GLN A 242 -5.45 -24.32 -31.37
CA GLN A 242 -5.74 -23.83 -30.03
C GLN A 242 -6.00 -22.32 -29.97
N GLN A 243 -6.88 -21.91 -29.08
CA GLN A 243 -7.14 -20.50 -28.87
C GLN A 243 -6.76 -20.18 -27.43
N PRO A 244 -5.73 -19.35 -27.25
CA PRO A 244 -5.20 -19.01 -25.93
C PRO A 244 -6.24 -18.34 -25.04
N PHE A 245 -6.07 -18.39 -23.73
CA PHE A 245 -7.04 -17.79 -22.81
C PHE A 245 -7.23 -16.32 -23.09
N LEU A 246 -6.15 -15.65 -23.50
CA LEU A 246 -6.22 -14.24 -23.83
C LEU A 246 -7.06 -14.04 -25.10
N LEU A 247 -7.02 -15.02 -25.99
CA LEU A 247 -7.81 -14.97 -27.21
C LEU A 247 -9.29 -15.14 -26.89
N GLN A 248 -9.57 -15.96 -25.87
CA GLN A 248 -10.94 -16.23 -25.47
C GLN A 248 -11.49 -15.10 -24.59
N ALA A 249 -10.61 -14.44 -23.86
CA ALA A 249 -11.01 -13.40 -22.93
C ALA A 249 -11.17 -12.05 -23.63
N ASP A 250 -11.02 -12.04 -24.96
CA ASP A 250 -11.15 -10.82 -25.75
C ASP A 250 -12.48 -10.14 -25.44
N GLY A 251 -12.42 -8.83 -25.17
CA GLY A 251 -13.59 -8.08 -24.79
C GLY A 251 -13.92 -8.19 -23.30
N GLY A 252 -13.65 -9.35 -22.72
CA GLY A 252 -14.00 -9.60 -21.34
C GLY A 252 -12.87 -9.35 -20.34
N THR A 253 -12.78 -10.22 -19.35
CA THR A 253 -11.85 -10.05 -18.24
C THR A 253 -11.15 -11.35 -17.89
N LEU A 254 -9.82 -11.35 -17.87
CA LEU A 254 -9.08 -12.54 -17.47
C LEU A 254 -8.56 -12.42 -16.03
N LEU A 255 -8.62 -13.52 -15.29
CA LEU A 255 -8.16 -13.58 -13.91
C LEU A 255 -7.05 -14.60 -13.73
N LEU A 256 -5.97 -14.18 -13.08
CA LEU A 256 -4.91 -15.10 -12.69
C LEU A 256 -4.85 -15.21 -11.17
N ASN A 257 -5.27 -16.34 -10.64
CA ASN A 257 -5.13 -16.61 -9.20
C ASN A 257 -3.73 -17.12 -8.89
N ASP A 258 -3.23 -16.74 -7.72
CA ASP A 258 -1.85 -17.06 -7.34
C ASP A 258 -0.89 -16.62 -8.44
N ILE A 259 -0.71 -15.31 -8.56
CA ILE A 259 0.02 -14.76 -9.69
C ILE A 259 1.51 -14.87 -9.41
N LEU A 260 1.87 -14.92 -8.13
CA LEU A 260 3.26 -15.04 -7.72
C LEU A 260 3.85 -16.36 -8.18
N THR A 261 2.99 -17.36 -8.35
CA THR A 261 3.40 -18.68 -8.80
C THR A 261 4.02 -18.68 -10.20
N LEU A 262 3.74 -17.64 -10.98
CA LEU A 262 4.24 -17.54 -12.34
C LEU A 262 5.76 -17.48 -12.40
N PRO A 263 6.35 -18.21 -13.35
CA PRO A 263 7.78 -18.11 -13.64
C PRO A 263 8.07 -16.80 -14.39
N LYS A 264 9.24 -16.21 -14.18
CA LYS A 264 9.58 -14.92 -14.80
C LYS A 264 9.25 -14.87 -16.29
N SER A 265 9.58 -15.94 -17.01
CA SER A 265 9.30 -16.05 -18.44
C SER A 265 7.83 -15.76 -18.73
N GLN A 266 6.95 -16.20 -17.85
CA GLN A 266 5.52 -15.97 -18.01
C GLN A 266 5.17 -14.57 -17.54
N GLN A 267 5.76 -14.18 -16.41
CA GLN A 267 5.67 -12.81 -15.92
C GLN A 267 6.02 -11.82 -17.03
N LEU A 268 7.09 -12.15 -17.76
CA LEU A 268 7.48 -11.39 -18.95
C LEU A 268 6.35 -11.31 -19.96
N ASN A 269 5.94 -12.46 -20.47
CA ASN A 269 4.86 -12.52 -21.46
C ASN A 269 3.57 -11.83 -21.00
N LEU A 270 3.27 -11.93 -19.71
CA LEU A 270 2.15 -11.19 -19.13
C LEU A 270 2.41 -9.70 -19.27
N LEU A 271 3.59 -9.27 -18.81
CA LEU A 271 4.04 -7.90 -18.96
C LEU A 271 4.03 -7.46 -20.42
N ARG A 272 4.62 -8.30 -21.28
CA ARG A 272 4.67 -8.04 -22.71
C ARG A 272 3.29 -7.77 -23.28
N PHE A 273 2.35 -8.65 -23.00
CA PHE A 273 0.96 -8.45 -23.39
C PHE A 273 0.40 -7.17 -22.78
N LEU A 274 0.77 -6.90 -21.52
CA LEU A 274 0.26 -5.75 -20.79
C LEU A 274 0.74 -4.44 -21.38
N GLN A 275 1.72 -4.54 -22.28
CA GLN A 275 2.27 -3.38 -22.96
C GLN A 275 1.79 -3.31 -24.40
N GLU A 276 1.83 -4.45 -25.09
CA GLU A 276 1.50 -4.52 -26.50
C GLU A 276 0.01 -4.73 -26.76
N GLY A 277 -0.66 -5.39 -25.81
CA GLY A 277 -2.07 -5.71 -25.97
C GLY A 277 -2.34 -6.68 -27.12
N THR A 278 -1.46 -7.67 -27.28
CA THR A 278 -1.59 -8.64 -28.37
C THR A 278 -1.39 -10.08 -27.92
N VAL A 279 -2.15 -10.99 -28.54
CA VAL A 279 -1.95 -12.42 -28.36
C VAL A 279 -1.52 -13.04 -29.67
N GLU A 280 -1.08 -14.30 -29.62
CA GLU A 280 -0.81 -15.04 -30.83
C GLU A 280 -1.91 -16.07 -31.04
N THR A 281 -2.33 -16.21 -32.29
CA THR A 281 -3.30 -17.23 -32.65
C THR A 281 -2.61 -18.17 -33.63
N ARG A 282 -3.18 -19.35 -33.83
CA ARG A 282 -2.59 -20.32 -34.75
C ARG A 282 -2.52 -19.76 -36.17
N GLN A 283 -3.52 -18.96 -36.54
CA GLN A 283 -3.55 -18.32 -37.85
C GLN A 283 -2.87 -16.95 -37.85
N GLY A 284 -1.90 -16.75 -36.95
CA GLY A 284 -1.20 -15.48 -36.88
C GLY A 284 -1.62 -14.60 -35.71
N VAL A 285 -0.67 -13.80 -35.23
CA VAL A 285 -0.88 -12.90 -34.11
C VAL A 285 -1.98 -11.86 -34.29
N ARG A 286 -2.94 -11.85 -33.37
CA ARG A 286 -3.98 -10.84 -33.35
C ARG A 286 -4.08 -10.19 -31.97
N ALA A 287 -4.40 -8.90 -31.97
CA ALA A 287 -4.49 -8.13 -30.73
C ALA A 287 -5.89 -8.19 -30.13
N VAL A 288 -5.95 -8.14 -28.80
CA VAL A 288 -7.23 -8.21 -28.09
C VAL A 288 -7.37 -7.08 -27.07
N ASP A 289 -8.41 -7.17 -26.26
CA ASP A 289 -8.70 -6.17 -25.25
C ASP A 289 -9.18 -6.84 -23.96
N VAL A 290 -8.25 -7.10 -23.05
CA VAL A 290 -8.55 -7.88 -21.84
C VAL A 290 -8.18 -7.16 -20.54
N ARG A 291 -9.16 -6.94 -19.68
CA ARG A 291 -8.92 -6.42 -18.35
C ARG A 291 -8.27 -7.50 -17.48
N ILE A 292 -7.12 -7.19 -16.91
CA ILE A 292 -6.36 -8.20 -16.19
C ILE A 292 -6.50 -8.07 -14.68
N LEU A 293 -6.99 -9.11 -14.04
CA LEU A 293 -7.06 -9.15 -12.59
C LEU A 293 -6.09 -10.21 -12.11
N ALA A 294 -5.58 -10.03 -10.91
CA ALA A 294 -4.65 -10.99 -10.34
C ALA A 294 -5.01 -11.22 -8.87
N ALA A 295 -4.97 -12.48 -8.47
CA ALA A 295 -5.16 -12.84 -7.07
C ALA A 295 -3.84 -13.22 -6.44
N ASN A 296 -3.70 -12.92 -5.15
CA ASN A 296 -2.46 -13.20 -4.43
C ASN A 296 -2.74 -13.47 -2.96
N SER A 297 -1.94 -14.36 -2.36
CA SER A 297 -2.11 -14.77 -0.98
C SER A 297 -0.79 -14.82 -0.20
N SER A 298 0.33 -14.82 -0.93
CA SER A 298 1.64 -14.91 -0.32
C SER A 298 2.24 -13.53 -0.07
N ASP A 299 3.24 -13.46 0.80
CA ASP A 299 3.93 -12.19 1.09
C ASP A 299 4.54 -11.61 -0.18
N ILE A 300 3.89 -10.58 -0.71
CA ILE A 300 4.28 -10.00 -1.99
C ILE A 300 5.58 -9.21 -1.87
N GLU A 301 5.77 -8.54 -0.72
CA GLU A 301 6.96 -7.74 -0.50
C GLU A 301 8.23 -8.58 -0.53
N LYS A 302 8.22 -9.70 0.20
CA LYS A 302 9.38 -10.58 0.23
C LYS A 302 9.73 -11.13 -1.16
N ALA A 303 8.69 -11.44 -1.93
CA ALA A 303 8.86 -11.93 -3.30
C ALA A 303 9.45 -10.85 -4.21
N LEU A 304 9.15 -9.59 -3.92
CA LEU A 304 9.62 -8.49 -4.74
C LEU A 304 11.12 -8.25 -4.54
N ILE A 305 11.54 -8.07 -3.29
CA ILE A 305 12.94 -7.79 -2.99
C ILE A 305 13.85 -8.87 -3.54
N ASP A 306 13.49 -10.13 -3.31
CA ASP A 306 14.28 -11.27 -3.75
C ASP A 306 14.39 -11.35 -5.28
N GLY A 307 13.45 -10.75 -5.99
CA GLY A 307 13.49 -10.74 -7.43
C GLY A 307 12.71 -11.88 -8.04
N ASP A 308 11.66 -12.31 -7.37
CA ASP A 308 10.86 -13.46 -7.81
C ASP A 308 9.67 -13.00 -8.66
N PHE A 309 9.43 -11.70 -8.70
CA PHE A 309 8.33 -11.15 -9.48
C PHE A 309 8.69 -9.80 -10.11
N ASN A 310 8.73 -9.77 -11.43
CA ASN A 310 9.09 -8.58 -12.20
C ASN A 310 8.40 -7.32 -11.67
N GLU A 311 9.19 -6.33 -11.27
CA GLU A 311 8.62 -5.17 -10.59
C GLU A 311 7.84 -4.23 -11.52
N GLU A 312 8.30 -4.06 -12.76
CA GLU A 312 7.54 -3.25 -13.72
C GLU A 312 6.17 -3.88 -13.96
N LEU A 313 6.13 -5.20 -13.97
CA LEU A 313 4.89 -5.94 -14.06
C LEU A 313 4.01 -5.69 -12.85
N TYR A 314 4.63 -5.72 -11.67
CA TYR A 314 3.91 -5.46 -10.42
C TYR A 314 3.15 -4.14 -10.48
N HIS A 315 3.76 -3.13 -11.09
CA HIS A 315 3.16 -1.81 -11.14
C HIS A 315 1.95 -1.72 -12.08
N TYR A 316 1.95 -2.53 -13.13
CA TYR A 316 0.82 -2.59 -14.07
C TYR A 316 -0.45 -3.16 -13.47
N ILE A 317 -0.30 -4.03 -12.47
CA ILE A 317 -1.47 -4.69 -11.90
C ILE A 317 -1.78 -4.14 -10.50
N ASN A 318 -0.77 -3.61 -9.82
CA ASN A 318 -1.00 -3.03 -8.50
C ASN A 318 -1.45 -1.59 -8.60
N VAL A 319 -1.99 -1.22 -9.76
CA VAL A 319 -2.55 0.11 -9.98
C VAL A 319 -3.66 0.37 -8.97
N LEU A 320 -4.47 -0.66 -8.74
CA LEU A 320 -5.48 -0.63 -7.70
C LEU A 320 -5.47 -1.93 -6.94
N ARG A 321 -5.77 -1.87 -5.64
CA ARG A 321 -5.77 -3.05 -4.81
C ARG A 321 -7.10 -3.19 -4.07
N ILE A 322 -7.50 -4.44 -3.84
CA ILE A 322 -8.68 -4.72 -3.03
C ILE A 322 -8.33 -5.82 -2.03
N ASN A 323 -8.67 -5.62 -0.76
CA ASN A 323 -8.34 -6.58 0.29
C ASN A 323 -9.54 -7.34 0.85
N VAL A 324 -9.58 -8.65 0.62
CA VAL A 324 -10.64 -9.49 1.17
C VAL A 324 -10.26 -10.03 2.54
N PRO A 325 -11.02 -9.62 3.57
CA PRO A 325 -10.72 -9.96 4.96
C PRO A 325 -11.03 -11.42 5.32
N SER A 326 -10.06 -12.07 5.98
CA SER A 326 -10.24 -13.42 6.53
C SER A 326 -11.40 -13.53 7.52
N LEU A 327 -11.98 -14.73 7.61
CA LEU A 327 -13.03 -15.00 8.59
C LEU A 327 -12.64 -14.59 10.00
N LYS A 328 -11.36 -14.75 10.33
CA LYS A 328 -10.82 -14.34 11.62
C LYS A 328 -11.28 -12.95 12.02
N GLU A 329 -11.24 -12.04 11.05
CA GLU A 329 -11.59 -10.65 11.27
C GLU A 329 -13.10 -10.41 11.28
N ARG A 330 -13.82 -11.05 10.36
CA ARG A 330 -15.27 -10.90 10.30
C ARG A 330 -15.98 -12.10 10.93
N ALA A 331 -15.84 -12.23 12.24
CA ALA A 331 -16.39 -13.38 12.97
C ALA A 331 -17.91 -13.44 12.90
N SER A 332 -18.57 -12.28 12.89
CA SER A 332 -20.02 -12.22 12.87
C SER A 332 -20.61 -12.77 11.57
N ASP A 333 -19.79 -12.87 10.54
CA ASP A 333 -20.22 -13.41 9.25
C ASP A 333 -20.25 -14.94 9.24
N ILE A 334 -19.48 -15.55 10.15
CA ILE A 334 -19.36 -16.99 10.18
C ILE A 334 -20.73 -17.63 10.32
N VAL A 335 -21.50 -17.13 11.28
CA VAL A 335 -22.83 -17.68 11.55
C VAL A 335 -23.77 -17.48 10.35
N LEU A 336 -23.65 -16.34 9.67
CA LEU A 336 -24.49 -16.05 8.52
C LEU A 336 -24.07 -16.86 7.29
N LEU A 337 -22.76 -17.07 7.17
CA LEU A 337 -22.22 -17.84 6.05
C LEU A 337 -22.57 -19.31 6.19
N ALA A 338 -22.25 -19.85 7.37
CA ALA A 338 -22.49 -21.26 7.68
C ALA A 338 -23.93 -21.66 7.40
N LYS A 339 -24.87 -20.78 7.75
CA LYS A 339 -26.29 -21.07 7.58
C LYS A 339 -26.61 -21.19 6.09
N HIS A 340 -26.05 -20.29 5.28
CA HIS A 340 -26.30 -20.29 3.84
C HIS A 340 -25.78 -21.55 3.14
N PHE A 341 -24.61 -22.03 3.56
CA PHE A 341 -23.98 -23.19 2.95
C PHE A 341 -24.69 -24.48 3.34
N LEU A 342 -25.13 -24.55 4.60
CA LEU A 342 -25.98 -25.65 5.04
C LEU A 342 -27.26 -25.66 4.20
N GLN A 343 -27.87 -24.48 4.08
CA GLN A 343 -29.11 -24.29 3.34
C GLN A 343 -29.02 -24.76 1.89
N GLU A 344 -27.90 -24.50 1.23
CA GLU A 344 -27.73 -24.88 -0.16
C GLU A 344 -27.37 -26.34 -0.33
N TYR A 345 -26.40 -26.81 0.44
CA TYR A 345 -25.85 -28.16 0.29
C TYR A 345 -26.85 -29.23 0.69
N SER A 346 -27.61 -28.98 1.75
CA SER A 346 -28.60 -29.94 2.21
C SER A 346 -29.66 -30.15 1.12
N LYS A 347 -30.11 -29.05 0.53
CA LYS A 347 -31.14 -29.09 -0.51
C LYS A 347 -30.62 -29.74 -1.79
N GLU A 348 -29.31 -29.94 -1.90
CA GLU A 348 -28.75 -30.51 -3.11
C GLU A 348 -28.54 -32.01 -2.98
N TYR A 349 -28.30 -32.46 -1.76
CA TYR A 349 -27.96 -33.86 -1.52
C TYR A 349 -29.10 -34.61 -0.81
N ASN A 350 -30.33 -34.12 -0.96
CA ASN A 350 -31.50 -34.74 -0.35
C ASN A 350 -31.43 -34.85 1.17
N ALA A 351 -30.44 -34.19 1.76
CA ALA A 351 -30.12 -34.37 3.18
C ALA A 351 -31.22 -33.85 4.11
N GLN A 352 -31.13 -34.28 5.37
CA GLN A 352 -32.14 -33.99 6.39
C GLN A 352 -31.96 -32.65 7.07
N ALA A 353 -30.71 -32.30 7.38
CA ALA A 353 -30.37 -31.12 8.18
C ALA A 353 -31.08 -29.84 7.74
N ARG A 354 -31.50 -29.04 8.70
CA ARG A 354 -32.24 -27.82 8.40
C ARG A 354 -31.66 -26.60 9.13
N SER A 355 -30.96 -26.83 10.25
CA SER A 355 -30.36 -25.74 11.00
C SER A 355 -29.31 -26.22 12.02
N PHE A 356 -28.59 -25.25 12.60
CA PHE A 356 -27.63 -25.52 13.67
C PHE A 356 -28.23 -25.20 15.04
N SER A 357 -27.93 -26.05 16.02
CA SER A 357 -28.25 -25.74 17.41
C SER A 357 -27.44 -24.54 17.90
N ASP A 358 -27.97 -23.82 18.89
CA ASP A 358 -27.24 -22.71 19.51
C ASP A 358 -25.87 -23.18 19.99
N ASP A 359 -25.80 -24.44 20.39
CA ASP A 359 -24.55 -25.11 20.72
C ASP A 359 -23.55 -24.97 19.57
N ALA A 360 -24.00 -25.25 18.36
CA ALA A 360 -23.14 -25.22 17.17
C ALA A 360 -22.67 -23.81 16.80
N VAL A 361 -23.60 -22.87 16.76
CA VAL A 361 -23.32 -21.49 16.36
C VAL A 361 -22.20 -20.86 17.19
N ARG A 362 -22.38 -20.85 18.51
CA ARG A 362 -21.38 -20.28 19.41
C ARG A 362 -20.07 -21.07 19.39
N GLY A 363 -20.09 -22.25 18.78
CA GLY A 363 -18.89 -23.04 18.61
C GLY A 363 -18.31 -22.90 17.21
N LEU A 364 -19.18 -22.58 16.25
CA LEU A 364 -18.78 -22.44 14.86
C LEU A 364 -17.98 -21.16 14.62
N THR A 365 -18.17 -20.20 15.51
CA THR A 365 -17.51 -18.91 15.38
C THR A 365 -16.15 -18.92 16.09
N ARG A 366 -16.03 -19.79 17.08
CA ARG A 366 -14.79 -19.88 17.87
C ARG A 366 -13.62 -20.39 17.04
N TYR A 367 -13.92 -21.17 16.00
CA TYR A 367 -12.88 -21.69 15.13
C TYR A 367 -12.12 -20.55 14.45
N HIS A 368 -10.84 -20.78 14.20
CA HIS A 368 -9.97 -19.74 13.69
C HIS A 368 -10.10 -19.61 12.17
N TRP A 369 -10.40 -20.74 11.52
CA TRP A 369 -10.63 -20.79 10.08
C TRP A 369 -9.46 -20.25 9.25
N PRO A 370 -8.42 -21.08 9.08
CA PRO A 370 -7.28 -20.73 8.22
C PRO A 370 -7.71 -20.62 6.76
N GLY A 371 -8.45 -21.63 6.28
CA GLY A 371 -8.92 -21.66 4.91
C GLY A 371 -10.17 -20.81 4.74
N ASN A 372 -10.58 -20.21 5.86
CA ASN A 372 -11.67 -19.23 5.86
C ASN A 372 -12.96 -19.75 5.23
N VAL A 373 -13.50 -18.96 4.31
CA VAL A 373 -14.83 -19.23 3.76
C VAL A 373 -14.91 -20.52 2.97
N ARG A 374 -13.86 -20.86 2.21
CA ARG A 374 -13.83 -22.14 1.52
C ARG A 374 -13.80 -23.29 2.53
N GLU A 375 -12.85 -23.24 3.46
CA GLU A 375 -12.78 -24.22 4.54
C GLU A 375 -14.10 -24.34 5.31
N LEU A 376 -14.87 -23.25 5.32
CA LEU A 376 -16.18 -23.26 5.97
C LEU A 376 -17.17 -24.12 5.19
N MET A 377 -17.20 -23.95 3.86
CA MET A 377 -18.11 -24.74 3.04
C MET A 377 -17.79 -26.22 3.12
N ASN A 378 -16.51 -26.54 2.99
CA ASN A 378 -16.06 -27.92 2.96
C ASN A 378 -16.39 -28.69 4.22
N GLN A 379 -16.15 -28.08 5.38
CA GLN A 379 -16.42 -28.77 6.64
C GLN A 379 -17.92 -28.93 6.83
N ILE A 380 -18.70 -27.97 6.33
CA ILE A 380 -20.16 -28.06 6.41
C ILE A 380 -20.68 -29.08 5.41
N LYS A 381 -20.15 -29.03 4.19
CA LYS A 381 -20.45 -30.04 3.17
C LYS A 381 -20.23 -31.45 3.70
N ARG A 382 -19.15 -31.64 4.45
CA ARG A 382 -18.81 -32.93 5.06
C ARG A 382 -19.87 -33.37 6.06
N VAL A 383 -20.28 -32.45 6.92
CA VAL A 383 -21.23 -32.74 7.99
C VAL A 383 -22.60 -33.11 7.43
N VAL A 384 -23.05 -32.34 6.43
CA VAL A 384 -24.32 -32.59 5.77
C VAL A 384 -24.36 -33.98 5.14
N LEU A 385 -23.32 -34.33 4.40
CA LEU A 385 -23.20 -35.65 3.78
C LEU A 385 -23.13 -36.79 4.80
N MET A 386 -22.98 -36.45 6.08
CA MET A 386 -22.85 -37.46 7.14
C MET A 386 -24.03 -37.45 8.10
N SER A 387 -24.26 -36.32 8.76
CA SER A 387 -25.29 -36.17 9.79
C SER A 387 -26.68 -36.59 9.34
N ASP A 388 -27.38 -37.27 10.24
CA ASP A 388 -28.69 -37.83 9.94
C ASP A 388 -29.81 -37.01 10.58
N THR A 389 -29.44 -36.08 11.45
CA THR A 389 -30.42 -35.26 12.14
C THR A 389 -30.94 -34.13 11.26
N VAL A 390 -31.92 -33.38 11.78
CA VAL A 390 -32.41 -32.19 11.10
C VAL A 390 -31.75 -30.96 11.73
N VAL A 391 -31.39 -31.10 13.00
CA VAL A 391 -30.63 -30.08 13.71
C VAL A 391 -29.21 -30.57 13.98
N LEU A 392 -28.23 -29.77 13.60
CA LEU A 392 -26.83 -30.13 13.79
C LEU A 392 -26.30 -29.59 15.12
N ASP A 393 -25.70 -30.46 15.91
CA ASP A 393 -25.14 -30.06 17.20
C ASP A 393 -23.64 -29.86 17.07
N GLU A 394 -23.05 -29.19 18.05
CA GLU A 394 -21.62 -28.89 18.06
C GLU A 394 -20.76 -30.15 17.97
N SER A 395 -21.28 -31.26 18.46
CA SER A 395 -20.55 -32.54 18.45
C SER A 395 -20.57 -33.20 17.08
N GLN A 396 -21.46 -32.75 16.22
CA GLN A 396 -21.59 -33.30 14.87
C GLN A 396 -20.70 -32.56 13.85
N LEU A 397 -20.10 -31.47 14.31
CA LEU A 397 -19.32 -30.60 13.43
C LEU A 397 -17.88 -31.06 13.27
N ASP A 398 -17.02 -30.54 14.14
CA ASP A 398 -15.57 -30.70 13.99
C ASP A 398 -15.15 -32.16 13.93
N LEU A 399 -15.87 -33.02 14.64
CA LEU A 399 -15.56 -34.45 14.68
C LEU A 399 -15.81 -35.09 13.33
N MET B 24 8.85 36.59 -15.14
CA MET B 24 10.22 36.09 -15.02
C MET B 24 10.30 34.89 -14.10
N ASP B 25 9.14 34.34 -13.73
CA ASP B 25 9.07 33.17 -12.85
C ASP B 25 7.89 32.27 -13.22
N SER B 26 8.18 31.01 -13.52
CA SER B 26 7.15 30.05 -13.92
C SER B 26 7.62 28.61 -13.76
N VAL B 27 6.76 27.67 -14.16
CA VAL B 27 7.02 26.25 -14.00
C VAL B 27 6.40 25.43 -15.16
N PRO B 28 7.01 24.29 -15.52
CA PRO B 28 6.65 23.44 -16.66
C PRO B 28 5.41 22.56 -16.46
N GLY B 29 4.61 22.40 -17.50
CA GLY B 29 3.40 21.58 -17.44
C GLY B 29 3.06 20.96 -18.77
N SER B 30 3.30 19.65 -18.89
CA SER B 30 3.19 18.92 -20.16
C SER B 30 1.90 18.13 -20.32
N LEU B 31 1.60 17.75 -21.55
CA LEU B 31 0.37 17.06 -21.88
C LEU B 31 0.53 15.96 -22.94
N VAL B 32 -0.23 14.87 -22.81
CA VAL B 32 -0.11 13.73 -23.71
C VAL B 32 -1.36 13.59 -24.61
N VAL B 33 -1.15 13.72 -25.93
CA VAL B 33 -2.23 13.63 -26.90
C VAL B 33 -1.76 13.18 -28.29
N VAL B 34 -2.58 12.39 -28.97
CA VAL B 34 -2.35 12.01 -30.36
C VAL B 34 -2.46 13.23 -31.29
N GLY B 35 -3.66 13.79 -31.38
CA GLY B 35 -3.91 14.96 -32.19
C GLY B 35 -3.19 16.19 -31.68
N GLY B 36 -2.12 16.59 -32.33
CA GLY B 36 -1.42 17.81 -31.95
C GLY B 36 -2.25 19.03 -32.33
N THR B 37 -3.29 18.79 -33.13
CA THR B 37 -4.26 19.82 -33.49
C THR B 37 -5.14 20.17 -32.30
N TYR B 38 -4.95 19.46 -31.20
CA TYR B 38 -5.65 19.73 -29.94
C TYR B 38 -5.06 20.94 -29.22
N GLU B 39 -4.73 21.97 -29.98
CA GLU B 39 -4.32 23.27 -29.44
C GLU B 39 -5.18 23.82 -28.30
N PRO B 40 -6.47 24.15 -28.56
CA PRO B 40 -7.34 25.01 -27.73
C PRO B 40 -6.84 25.43 -26.34
N TRP B 41 -6.20 24.54 -25.59
CA TRP B 41 -5.76 24.88 -24.24
C TRP B 41 -4.25 25.17 -24.15
N LEU B 42 -3.52 24.93 -25.23
CA LEU B 42 -2.08 25.20 -25.23
C LEU B 42 -1.71 26.69 -25.22
N PRO B 43 -2.32 27.52 -26.09
CA PRO B 43 -1.90 28.93 -26.10
C PRO B 43 -2.33 29.75 -24.89
N VAL B 44 -3.49 29.44 -24.31
CA VAL B 44 -3.95 30.10 -23.09
C VAL B 44 -3.02 29.79 -21.92
N LEU B 45 -2.14 28.81 -22.11
CA LEU B 45 -1.08 28.51 -21.16
C LEU B 45 0.27 29.00 -21.68
N GLU B 46 0.47 28.92 -22.99
CA GLU B 46 1.72 29.36 -23.59
C GLU B 46 1.94 30.86 -23.46
N LYS B 47 0.90 31.64 -23.72
CA LYS B 47 1.04 33.10 -23.74
C LYS B 47 0.99 33.68 -22.32
N VAL B 48 0.55 32.87 -21.36
CA VAL B 48 0.56 33.30 -19.97
C VAL B 48 1.84 32.80 -19.30
N GLY B 49 2.66 32.07 -20.05
CA GLY B 49 3.96 31.63 -19.57
C GLY B 49 4.03 30.24 -18.96
N TRP B 50 3.87 29.22 -19.81
CA TRP B 50 4.02 27.83 -19.39
C TRP B 50 5.00 27.09 -20.29
N ARG B 51 5.83 26.24 -19.69
CA ARG B 51 6.69 25.36 -20.47
C ARG B 51 5.91 24.08 -20.76
N CYS B 52 4.98 24.17 -21.71
CA CYS B 52 4.15 23.03 -22.07
C CYS B 52 4.72 22.17 -23.19
N THR B 53 5.03 20.93 -22.85
CA THR B 53 5.56 19.93 -23.78
C THR B 53 4.46 18.94 -24.16
N GLN B 54 4.59 18.29 -25.31
CA GLN B 54 3.55 17.37 -25.76
C GLN B 54 4.06 16.04 -26.31
N VAL B 55 3.47 14.95 -25.81
CA VAL B 55 3.83 13.61 -26.25
C VAL B 55 2.65 12.92 -26.93
N ALA B 56 2.95 12.09 -27.92
CA ALA B 56 1.91 11.42 -28.71
C ALA B 56 1.81 9.94 -28.36
N ASP B 57 2.97 9.30 -28.24
CA ASP B 57 3.05 7.87 -27.92
C ASP B 57 2.66 7.61 -26.47
N LEU B 58 2.74 6.35 -26.06
CA LEU B 58 2.57 5.96 -24.67
C LEU B 58 3.92 5.56 -24.05
N ARG B 59 4.84 5.14 -24.90
CA ARG B 59 6.21 4.82 -24.51
C ARG B 59 6.98 6.09 -24.16
N LYS B 60 6.86 7.08 -25.04
CA LYS B 60 7.53 8.37 -24.91
C LYS B 60 7.23 9.12 -23.59
N PRO B 61 5.94 9.31 -23.25
CA PRO B 61 5.67 10.12 -22.06
C PRO B 61 6.15 9.51 -20.75
N ASP B 62 6.41 8.20 -20.77
CA ASP B 62 7.00 7.57 -19.60
C ASP B 62 8.42 8.12 -19.39
N ALA B 63 9.20 8.07 -20.46
CA ALA B 63 10.55 8.64 -20.47
C ALA B 63 10.55 10.13 -20.17
N LEU B 64 9.63 10.85 -20.80
CA LEU B 64 9.54 12.30 -20.64
C LEU B 64 9.32 12.73 -19.19
N PHE B 65 8.52 11.96 -18.45
CA PHE B 65 8.11 12.38 -17.12
C PHE B 65 9.16 12.11 -16.06
N VAL B 66 9.98 11.08 -16.27
CA VAL B 66 11.04 10.74 -15.32
C VAL B 66 12.10 11.84 -15.31
N GLU B 67 12.09 12.65 -16.36
CA GLU B 67 13.10 13.68 -16.57
C GLU B 67 12.62 15.08 -16.17
N THR B 68 11.33 15.37 -16.38
CA THR B 68 10.79 16.70 -16.08
C THR B 68 10.59 16.91 -14.59
N GLY B 69 10.50 15.83 -13.85
CA GLY B 69 10.25 15.91 -12.42
C GLY B 69 8.89 16.55 -12.15
N PRO B 70 8.80 17.35 -11.09
CA PRO B 70 7.55 18.01 -10.69
C PRO B 70 7.03 18.91 -11.80
N CYS B 71 5.78 18.67 -12.21
CA CYS B 71 5.17 19.44 -13.29
C CYS B 71 3.68 19.21 -13.31
N ILE B 72 3.00 19.84 -14.27
CA ILE B 72 1.58 19.60 -14.49
C ILE B 72 1.42 18.67 -15.68
N GLY B 73 0.56 17.65 -15.53
CA GLY B 73 0.45 16.65 -16.56
C GLY B 73 -0.99 16.44 -16.98
N ILE B 74 -1.30 16.84 -18.20
CA ILE B 74 -2.64 16.69 -18.76
C ILE B 74 -2.72 15.44 -19.64
N VAL B 75 -3.74 14.62 -19.41
CA VAL B 75 -3.94 13.39 -20.16
C VAL B 75 -5.17 13.50 -21.06
N ASP B 76 -4.95 13.41 -22.37
CA ASP B 76 -6.05 13.56 -23.33
C ASP B 76 -6.80 12.25 -23.51
N LEU B 77 -7.76 12.01 -22.63
CA LEU B 77 -8.66 10.88 -22.81
C LEU B 77 -9.50 11.18 -24.05
N SER B 78 -10.25 12.27 -23.98
CA SER B 78 -11.20 12.65 -25.03
C SER B 78 -12.09 11.49 -25.44
N HIS B 79 -12.44 11.46 -26.71
CA HIS B 79 -13.07 10.30 -27.31
C HIS B 79 -11.96 9.49 -27.95
N ASP B 80 -10.74 9.92 -27.66
CA ASP B 80 -9.55 9.52 -28.41
C ASP B 80 -9.02 8.14 -28.04
N GLU B 81 -7.85 8.10 -27.41
CA GLU B 81 -7.00 6.93 -27.49
C GLU B 81 -6.45 6.48 -26.13
N PHE B 82 -5.38 5.68 -26.19
CA PHE B 82 -4.62 5.20 -25.03
C PHE B 82 -5.39 4.17 -24.20
N SER B 83 -4.70 3.12 -23.78
CA SER B 83 -5.28 2.13 -22.90
C SER B 83 -5.50 2.75 -21.53
N LEU B 84 -6.70 2.60 -20.98
CA LEU B 84 -7.01 3.19 -19.68
C LEU B 84 -6.13 2.61 -18.59
N ASN B 85 -5.69 1.38 -18.79
CA ASN B 85 -4.73 0.74 -17.91
C ASN B 85 -3.37 1.41 -18.03
N GLY B 86 -2.92 1.60 -19.27
CA GLY B 86 -1.64 2.22 -19.56
C GLY B 86 -1.54 3.62 -18.98
N ILE B 87 -2.65 4.36 -19.06
CA ILE B 87 -2.71 5.70 -18.50
C ILE B 87 -2.63 5.64 -16.98
N ALA B 88 -3.47 4.81 -16.37
CA ALA B 88 -3.46 4.60 -14.93
C ALA B 88 -2.07 4.22 -14.44
N ASN B 89 -1.46 3.28 -15.15
CA ASN B 89 -0.07 2.89 -14.87
C ASN B 89 0.82 4.11 -14.88
N LEU B 90 0.82 4.82 -16.01
CA LEU B 90 1.59 6.05 -16.18
C LEU B 90 1.35 7.05 -15.04
N VAL B 91 0.09 7.24 -14.66
CA VAL B 91 -0.29 8.20 -13.63
C VAL B 91 0.38 7.94 -12.28
N SER B 92 0.63 6.67 -11.99
CA SER B 92 1.22 6.29 -10.71
C SER B 92 2.59 5.62 -10.84
N SER B 93 2.95 5.24 -12.08
CA SER B 93 4.17 4.46 -12.40
C SER B 93 5.33 4.70 -11.43
N HIS B 94 5.72 5.96 -11.32
CA HIS B 94 6.71 6.44 -10.36
C HIS B 94 6.55 7.95 -10.36
N LYS B 95 5.60 8.38 -11.18
CA LYS B 95 5.17 9.76 -11.27
C LYS B 95 4.02 10.01 -10.30
N GLN B 96 4.21 9.71 -9.01
CA GLN B 96 3.05 9.55 -8.17
C GLN B 96 2.52 10.92 -7.71
N VAL B 97 3.42 11.89 -7.56
CA VAL B 97 2.99 13.24 -7.18
C VAL B 97 3.68 14.29 -8.04
N ARG B 98 4.94 14.05 -8.41
CA ARG B 98 5.67 14.92 -9.33
C ARG B 98 5.08 14.78 -10.74
N TRP B 99 3.77 14.93 -10.80
CA TRP B 99 2.97 14.63 -11.96
C TRP B 99 1.74 15.50 -12.00
N LEU B 100 1.08 15.59 -10.84
CA LEU B 100 -0.19 16.27 -10.62
C LEU B 100 -1.17 16.05 -11.79
N ALA B 101 -2.18 15.22 -11.54
CA ALA B 101 -2.97 14.66 -12.61
C ALA B 101 -4.02 15.64 -13.14
N PHE B 102 -4.19 15.63 -14.45
CA PHE B 102 -5.17 16.48 -15.13
C PHE B 102 -5.63 15.74 -16.38
N ILE B 103 -6.91 15.87 -16.73
CA ILE B 103 -7.42 15.14 -17.88
C ILE B 103 -8.39 15.93 -18.76
N ARG B 104 -8.26 15.71 -20.05
CA ARG B 104 -9.06 16.40 -21.06
C ARG B 104 -9.98 15.39 -21.74
N GLU B 105 -11.24 15.77 -21.95
CA GLU B 105 -12.18 14.85 -22.59
C GLU B 105 -13.33 15.51 -23.35
N ALA B 106 -13.87 14.78 -24.32
CA ALA B 106 -14.95 15.23 -25.19
C ALA B 106 -16.34 15.01 -24.62
N GLN B 107 -16.59 15.50 -23.41
CA GLN B 107 -17.89 15.38 -22.76
C GLN B 107 -18.41 13.93 -22.66
N LEU B 108 -17.68 13.10 -21.93
CA LEU B 108 -18.00 11.68 -21.88
C LEU B 108 -18.61 11.30 -20.54
N SER B 109 -19.24 12.26 -19.86
CA SER B 109 -19.88 11.99 -18.57
C SER B 109 -20.94 10.90 -18.70
N SER B 110 -20.52 9.65 -18.54
CA SER B 110 -21.45 8.53 -18.58
C SER B 110 -20.89 7.25 -17.96
N ASP B 111 -20.12 6.50 -18.75
CA ASP B 111 -19.79 5.13 -18.41
C ASP B 111 -18.58 5.01 -17.48
N THR B 112 -17.68 4.09 -17.82
CA THR B 112 -16.54 3.75 -16.97
C THR B 112 -15.69 4.98 -16.76
N ILE B 113 -15.27 5.55 -17.89
CA ILE B 113 -14.44 6.75 -17.98
C ILE B 113 -14.60 7.75 -16.82
N CYS B 114 -15.82 7.94 -16.33
CA CYS B 114 -16.02 8.84 -15.20
C CYS B 114 -15.46 8.27 -13.89
N GLN B 115 -15.61 6.97 -13.70
CA GLN B 115 -15.08 6.31 -12.52
C GLN B 115 -13.55 6.32 -12.52
N PHE B 116 -12.98 6.39 -13.73
CA PHE B 116 -11.53 6.40 -13.95
C PHE B 116 -10.87 7.67 -13.41
N ILE B 117 -11.69 8.57 -12.89
CA ILE B 117 -11.16 9.77 -12.27
C ILE B 117 -11.22 9.55 -10.76
N VAL B 118 -11.10 8.28 -10.38
CA VAL B 118 -10.76 7.88 -9.02
C VAL B 118 -9.24 7.92 -8.97
N ASN B 119 -8.62 7.77 -10.13
CA ASN B 119 -7.16 7.85 -10.26
C ASN B 119 -6.66 9.27 -10.04
N PHE B 120 -6.97 9.78 -8.84
CA PHE B 120 -6.66 11.14 -8.39
C PHE B 120 -6.50 12.22 -9.45
N CYS B 121 -7.20 12.07 -10.59
CA CYS B 121 -7.17 13.08 -11.62
C CYS B 121 -8.01 14.23 -11.14
N ILE B 122 -7.34 15.16 -10.49
CA ILE B 122 -8.00 16.24 -9.76
C ILE B 122 -9.04 17.07 -10.52
N ASP B 123 -9.02 17.07 -11.85
CA ASP B 123 -9.99 17.90 -12.57
C ASP B 123 -10.11 17.54 -14.05
N PHE B 124 -10.96 18.27 -14.78
CA PHE B 124 -11.22 17.92 -16.18
C PHE B 124 -11.54 19.12 -17.10
N PHE B 125 -11.44 18.88 -18.40
CA PHE B 125 -11.68 19.91 -19.42
C PHE B 125 -12.94 19.65 -20.22
N THR B 126 -13.92 20.53 -20.09
CA THR B 126 -15.08 20.47 -20.98
C THR B 126 -14.68 20.74 -22.43
N ALA B 127 -15.49 20.27 -23.37
CA ALA B 127 -15.20 20.42 -24.81
C ALA B 127 -14.98 21.87 -25.29
N PRO B 128 -15.81 22.83 -24.85
CA PRO B 128 -15.53 24.22 -25.27
C PRO B 128 -14.25 24.78 -24.67
N ILE B 129 -13.94 26.03 -24.98
CA ILE B 129 -12.70 26.66 -24.54
C ILE B 129 -12.95 27.87 -23.65
N PRO B 130 -13.16 27.64 -22.35
CA PRO B 130 -13.32 28.72 -21.37
C PRO B 130 -12.01 29.44 -21.06
N ASP B 131 -11.55 30.31 -21.95
CA ASP B 131 -10.27 31.01 -21.83
C ASP B 131 -9.93 31.49 -20.41
N ALA B 132 -10.85 32.25 -19.81
CA ALA B 132 -10.58 32.87 -18.51
C ALA B 132 -10.78 31.90 -17.35
N GLN B 133 -11.73 30.97 -17.51
CA GLN B 133 -12.04 29.99 -16.48
C GLN B 133 -10.98 28.90 -16.39
N LEU B 134 -10.36 28.58 -17.52
CA LEU B 134 -9.29 27.60 -17.59
C LEU B 134 -8.19 27.78 -16.54
N LEU B 135 -7.67 29.00 -16.44
CA LEU B 135 -6.56 29.28 -15.52
C LEU B 135 -6.95 29.10 -14.05
N SER B 136 -8.23 29.28 -13.75
CA SER B 136 -8.73 29.14 -12.37
C SER B 136 -8.42 27.76 -11.80
N THR B 137 -8.82 26.72 -12.52
CA THR B 137 -8.63 25.33 -12.09
C THR B 137 -7.16 24.91 -12.07
N ILE B 138 -6.43 25.23 -13.15
CA ILE B 138 -5.03 24.86 -13.28
C ILE B 138 -4.15 25.61 -12.28
N GLY B 139 -4.46 26.87 -12.05
CA GLY B 139 -3.71 27.73 -11.13
C GLY B 139 -3.61 27.20 -9.71
N HIS B 140 -4.66 26.53 -9.25
CA HIS B 140 -4.72 25.98 -7.90
C HIS B 140 -3.54 25.05 -7.59
N GLN B 141 -3.11 24.30 -8.59
CA GLN B 141 -1.99 23.37 -8.46
C GLN B 141 -0.60 24.02 -8.42
N LEU B 142 -0.50 25.28 -8.81
CA LEU B 142 0.81 25.95 -8.85
C LEU B 142 1.51 26.00 -7.51
N GLY B 143 0.76 26.25 -6.43
CA GLY B 143 1.34 26.26 -5.11
C GLY B 143 1.87 24.88 -4.75
N MET B 144 1.25 23.86 -5.32
CA MET B 144 1.63 22.47 -5.07
C MET B 144 2.87 22.08 -5.84
N LEU B 145 2.95 22.52 -7.08
CA LEU B 145 4.09 22.24 -7.93
C LEU B 145 5.30 23.02 -7.45
N LYS B 146 5.06 24.19 -6.86
CA LYS B 146 6.17 24.99 -6.37
C LYS B 146 6.81 24.43 -5.10
N LEU B 147 6.00 23.82 -4.23
CA LEU B 147 6.57 23.27 -2.99
C LEU B 147 7.15 21.89 -3.27
N GLU B 148 6.68 21.26 -4.33
CA GLU B 148 7.27 20.02 -4.77
C GLU B 148 8.70 20.27 -5.22
N LYS B 149 8.91 21.30 -6.03
CA LYS B 149 10.26 21.70 -6.40
C LYS B 149 11.07 22.10 -5.17
N LYS B 150 10.36 22.43 -4.09
CA LYS B 150 10.99 22.83 -2.83
C LYS B 150 11.42 21.64 -1.96
N VAL B 151 10.60 20.61 -1.91
CA VAL B 151 10.92 19.41 -1.12
C VAL B 151 11.68 18.35 -1.89
N TRP B 152 12.00 18.64 -3.15
CA TRP B 152 12.71 17.67 -3.99
C TRP B 152 14.24 17.53 -3.75
N PRO B 153 14.93 18.56 -3.20
CA PRO B 153 16.39 18.37 -3.13
C PRO B 153 16.87 17.31 -2.14
N HIS B 154 15.98 16.46 -1.64
CA HIS B 154 16.43 15.32 -0.83
C HIS B 154 17.20 14.37 -1.73
N PHE B 155 16.64 14.14 -2.92
CA PHE B 155 17.27 13.37 -4.00
C PHE B 155 17.94 12.09 -3.45
N GLY B 156 19.10 11.73 -3.99
CA GLY B 156 19.83 10.56 -3.55
C GLY B 156 21.21 10.93 -3.03
N SER B 157 21.99 9.94 -2.63
CA SER B 157 23.34 10.17 -2.14
C SER B 157 24.15 8.87 -2.05
N ALA B 158 23.92 7.97 -3.01
CA ALA B 158 24.55 6.65 -3.03
C ALA B 158 24.16 5.80 -1.82
N GLY B 159 23.20 6.30 -1.04
CA GLY B 159 22.69 5.59 0.13
C GLY B 159 23.75 5.32 1.18
N ASN B 160 24.86 6.03 1.09
CA ASN B 160 26.01 5.82 1.97
C ASN B 160 26.37 4.35 2.04
N MET B 161 26.84 3.80 0.92
CA MET B 161 27.29 2.40 0.82
C MET B 161 26.12 1.42 1.04
N GLY B 162 24.93 1.96 1.30
CA GLY B 162 23.74 1.18 1.60
C GLY B 162 23.79 0.56 2.98
N LEU B 163 24.64 1.13 3.82
CA LEU B 163 24.76 0.79 5.25
C LEU B 163 25.06 -0.68 5.58
N ILE B 164 24.88 -1.59 4.63
CA ILE B 164 25.41 -2.94 4.80
C ILE B 164 26.29 -3.31 3.60
N GLY B 165 25.64 -3.64 2.48
CA GLY B 165 26.32 -4.02 1.26
C GLY B 165 25.54 -3.42 0.12
N GLU B 166 25.67 -4.01 -1.07
CA GLU B 166 24.94 -3.50 -2.24
C GLU B 166 25.06 -4.45 -3.43
N SER B 167 23.95 -5.11 -3.79
CA SER B 167 23.91 -5.96 -4.96
C SER B 167 22.62 -5.77 -5.77
N MET B 168 21.65 -6.66 -5.58
CA MET B 168 20.40 -6.55 -6.34
C MET B 168 19.14 -6.62 -5.47
N PRO B 169 19.00 -7.65 -4.60
CA PRO B 169 17.94 -7.48 -3.60
C PRO B 169 18.21 -6.26 -2.71
N MET B 170 19.50 -5.99 -2.46
CA MET B 170 19.88 -4.81 -1.68
C MET B 170 19.58 -3.53 -2.43
N LYS B 171 19.87 -3.49 -3.72
CA LYS B 171 19.52 -2.30 -4.51
C LYS B 171 18.00 -2.04 -4.49
N ARG B 172 17.21 -3.11 -4.62
CA ARG B 172 15.76 -2.97 -4.52
C ARG B 172 15.35 -2.44 -3.15
N LEU B 173 16.07 -2.90 -2.13
CA LEU B 173 15.86 -2.43 -0.76
C LEU B 173 16.24 -0.96 -0.63
N ARG B 174 17.44 -0.64 -1.12
CA ARG B 174 17.97 0.72 -1.09
C ARG B 174 17.00 1.71 -1.76
N ASP B 175 16.56 1.39 -2.97
CA ASP B 175 15.58 2.17 -3.69
C ASP B 175 14.32 2.44 -2.87
N GLN B 176 13.76 1.37 -2.31
CA GLN B 176 12.59 1.47 -1.45
C GLN B 176 12.77 2.37 -0.25
N ILE B 177 13.75 2.05 0.60
CA ILE B 177 14.08 2.88 1.77
C ILE B 177 14.01 4.36 1.44
N LYS B 178 14.57 4.72 0.29
CA LYS B 178 14.48 6.09 -0.20
C LYS B 178 13.04 6.58 -0.36
N ARG B 179 12.15 5.73 -0.88
CA ARG B 179 10.80 6.20 -1.18
C ARG B 179 9.82 6.04 0.00
N ILE B 180 10.14 5.17 0.95
CA ILE B 180 9.24 4.98 2.10
C ILE B 180 9.70 5.83 3.30
N GLY B 181 10.93 6.31 3.24
CA GLY B 181 11.47 7.20 4.25
C GLY B 181 10.69 8.46 4.55
N PRO B 182 10.51 9.35 3.55
CA PRO B 182 9.91 10.68 3.73
C PRO B 182 8.50 10.69 4.32
N THR B 183 7.72 9.67 3.99
CA THR B 183 6.32 9.56 4.35
C THR B 183 5.91 9.89 5.80
N ASP B 184 6.76 9.52 6.76
CA ASP B 184 6.49 9.67 8.20
C ASP B 184 5.49 8.65 8.76
N VAL B 185 4.97 7.77 7.92
CA VAL B 185 4.02 6.78 8.42
C VAL B 185 4.78 5.65 9.10
N SER B 186 4.07 4.88 9.92
CA SER B 186 4.70 3.76 10.59
C SER B 186 5.05 2.65 9.60
N ILE B 187 6.21 2.04 9.78
CA ILE B 187 6.64 0.95 8.93
C ILE B 187 6.96 -0.31 9.74
N LEU B 188 6.50 -1.46 9.26
CA LEU B 188 6.90 -2.73 9.87
C LEU B 188 8.14 -3.29 9.18
N ILE B 189 9.27 -3.25 9.87
CA ILE B 189 10.52 -3.76 9.31
C ILE B 189 10.71 -5.21 9.75
N TYR B 190 10.47 -6.14 8.82
CA TYR B 190 10.58 -7.56 9.13
C TYR B 190 11.62 -8.26 8.28
N GLY B 191 12.23 -9.30 8.85
CA GLY B 191 13.21 -10.11 8.16
C GLY B 191 13.66 -11.20 9.11
N GLU B 192 14.56 -12.07 8.67
CA GLU B 192 15.07 -13.09 9.57
C GLU B 192 15.87 -12.42 10.68
N SER B 193 16.24 -13.18 11.70
CA SER B 193 16.93 -12.62 12.85
C SER B 193 18.35 -12.18 12.50
N GLY B 194 18.72 -10.97 12.90
CA GLY B 194 20.06 -10.47 12.67
C GLY B 194 20.35 -10.22 11.20
N THR B 195 19.50 -9.43 10.55
CA THR B 195 19.64 -9.21 9.12
C THR B 195 20.03 -7.77 8.81
N GLY B 196 19.55 -6.84 9.64
CA GLY B 196 19.83 -5.44 9.44
C GLY B 196 18.63 -4.54 9.70
N LYS B 197 17.56 -5.14 10.21
CA LYS B 197 16.28 -4.47 10.44
C LYS B 197 16.42 -3.13 11.17
N GLU B 198 17.24 -3.12 12.21
CA GLU B 198 17.45 -1.91 13.00
C GLU B 198 18.25 -0.89 12.20
N THR B 199 19.29 -1.35 11.50
CA THR B 199 20.09 -0.46 10.66
C THR B 199 19.25 0.11 9.52
N VAL B 200 18.23 -0.63 9.11
CA VAL B 200 17.30 -0.15 8.09
C VAL B 200 16.41 0.94 8.66
N ALA B 201 15.95 0.75 9.90
CA ALA B 201 15.20 1.77 10.62
C ALA B 201 15.94 3.11 10.64
N LYS B 202 17.21 3.08 11.03
CA LYS B 202 18.06 4.27 11.02
C LYS B 202 18.19 4.82 9.60
N ALA B 203 18.22 3.93 8.63
CA ALA B 203 18.37 4.31 7.23
C ALA B 203 17.15 5.09 6.72
N ILE B 204 15.96 4.72 7.19
CA ILE B 204 14.77 5.45 6.77
C ILE B 204 14.55 6.69 7.64
N HIS B 205 15.04 6.66 8.88
CA HIS B 205 14.92 7.81 9.76
C HIS B 205 15.79 8.96 9.30
N LYS B 206 16.87 8.64 8.61
CA LYS B 206 17.76 9.67 8.10
C LYS B 206 17.34 10.09 6.70
N THR B 207 16.45 9.31 6.09
CA THR B 207 15.84 9.68 4.81
C THR B 207 14.58 10.49 5.08
N SER B 208 14.00 10.28 6.25
CA SER B 208 12.79 11.00 6.66
C SER B 208 13.06 12.49 6.81
N SER B 209 12.00 13.28 6.74
CA SER B 209 12.09 14.72 6.95
C SER B 209 12.31 15.09 8.43
N ARG B 210 12.67 14.11 9.25
CA ARG B 210 12.97 14.34 10.66
C ARG B 210 14.34 13.75 11.03
N ALA B 211 15.31 13.88 10.12
CA ALA B 211 16.61 13.24 10.26
C ALA B 211 17.49 13.88 11.33
N GLN B 212 17.42 15.21 11.45
CA GLN B 212 18.25 15.92 12.42
C GLN B 212 17.73 15.71 13.84
N LYS B 213 16.55 15.11 13.95
CA LYS B 213 15.93 14.83 15.23
C LYS B 213 16.34 13.43 15.72
N PRO B 214 16.23 13.17 17.03
CA PRO B 214 16.67 11.92 17.69
C PRO B 214 16.19 10.61 17.05
N PHE B 215 16.97 9.55 17.24
CA PHE B 215 16.55 8.19 16.92
C PHE B 215 16.73 7.31 18.15
N ILE B 216 15.74 6.48 18.46
CA ILE B 216 15.78 5.66 19.67
C ILE B 216 15.29 4.23 19.43
N SER B 217 16.23 3.31 19.24
CA SER B 217 15.94 1.89 19.21
C SER B 217 15.56 1.35 20.61
N VAL B 218 14.66 0.37 20.65
CA VAL B 218 14.27 -0.24 21.92
C VAL B 218 14.14 -1.75 21.80
N ASN B 219 14.89 -2.47 22.62
CA ASN B 219 14.85 -3.93 22.64
C ASN B 219 13.77 -4.45 23.59
N CYS B 220 12.58 -4.70 23.05
CA CYS B 220 11.43 -5.07 23.85
C CYS B 220 11.59 -6.46 24.45
N ARG B 221 12.36 -7.31 23.78
CA ARG B 221 12.52 -8.70 24.19
C ARG B 221 13.08 -8.83 25.60
N ALA B 222 14.04 -7.98 25.94
CA ALA B 222 14.76 -8.08 27.21
C ALA B 222 14.21 -7.11 28.25
N MET B 223 12.88 -7.03 28.35
CA MET B 223 12.23 -6.15 29.33
C MET B 223 10.98 -6.79 29.93
N SER B 224 10.94 -6.90 31.25
CA SER B 224 9.75 -7.39 31.95
C SER B 224 8.60 -6.41 31.79
N GLU B 225 7.37 -6.86 32.03
CA GLU B 225 6.19 -6.03 31.82
C GLU B 225 6.23 -4.77 32.68
N LYS B 226 6.97 -4.81 33.78
CA LYS B 226 7.10 -3.65 34.65
C LYS B 226 8.18 -2.71 34.10
N ARG B 227 9.21 -3.28 33.49
CA ARG B 227 10.23 -2.49 32.82
C ARG B 227 9.65 -1.75 31.61
N LEU B 228 8.81 -2.45 30.85
CA LEU B 228 8.11 -1.85 29.72
C LEU B 228 7.19 -0.71 30.14
N GLU B 229 6.59 -0.84 31.32
CA GLU B 229 5.73 0.19 31.87
C GLU B 229 6.50 1.50 31.94
N SER B 230 7.79 1.42 32.28
CA SER B 230 8.66 2.58 32.43
C SER B 230 9.06 3.19 31.10
N GLU B 231 8.23 3.00 30.08
CA GLU B 231 8.55 3.46 28.73
C GLU B 231 7.43 4.33 28.20
N LEU B 232 6.27 4.26 28.85
CA LEU B 232 5.10 5.01 28.41
C LEU B 232 4.61 5.94 29.52
N PHE B 233 5.37 6.02 30.59
CA PHE B 233 5.05 6.89 31.73
C PHE B 233 6.26 6.98 32.65
N GLY B 234 7.19 6.04 32.48
CA GLY B 234 8.40 5.99 33.27
C GLY B 234 8.08 5.26 34.56
N LEU B 235 8.78 5.60 35.64
CA LEU B 235 8.52 4.93 36.91
C LEU B 235 8.33 5.90 38.07
N GLY B 236 9.43 6.15 38.78
CA GLY B 236 9.44 6.84 40.06
C GLY B 236 8.42 7.92 40.38
N GLU B 237 8.08 8.00 41.67
CA GLU B 237 7.10 8.94 42.19
C GLU B 237 7.58 10.39 42.12
N THR B 238 8.85 10.57 41.78
CA THR B 238 9.50 11.87 41.72
C THR B 238 10.21 11.95 40.39
N GLU B 239 10.48 13.17 39.90
CA GLU B 239 11.22 13.40 38.65
C GLU B 239 12.27 12.33 38.42
N GLU B 240 13.13 12.13 39.41
CA GLU B 240 14.12 11.04 39.43
C GLU B 240 15.11 11.04 38.26
N GLY B 241 14.86 11.86 37.25
CA GLY B 241 15.75 11.87 36.10
C GLY B 241 15.38 10.72 35.19
N GLN B 242 14.09 10.38 35.20
CA GLN B 242 13.59 9.18 34.53
C GLN B 242 13.26 9.49 33.07
N GLN B 243 12.07 10.05 32.84
CA GLN B 243 11.59 10.44 31.51
C GLN B 243 11.43 9.26 30.54
N PRO B 244 10.17 8.98 30.14
CA PRO B 244 9.87 7.82 29.28
C PRO B 244 10.60 7.89 27.94
N PHE B 245 10.78 6.72 27.31
CA PHE B 245 11.47 6.63 26.03
C PHE B 245 10.76 7.47 24.95
N LEU B 246 9.44 7.57 25.05
CA LEU B 246 8.65 8.36 24.11
C LEU B 246 8.93 9.86 24.23
N LEU B 247 9.26 10.31 25.43
CA LEU B 247 9.56 11.72 25.67
C LEU B 247 10.85 12.18 25.00
N GLN B 248 11.83 11.28 24.95
CA GLN B 248 13.14 11.60 24.39
C GLN B 248 13.15 11.54 22.87
N ALA B 249 12.26 10.72 22.31
CA ALA B 249 12.23 10.50 20.87
C ALA B 249 11.44 11.59 20.14
N ASP B 250 11.03 12.62 20.88
CA ASP B 250 10.22 13.71 20.33
C ASP B 250 10.82 14.30 19.06
N GLY B 251 9.97 14.44 18.04
CA GLY B 251 10.39 14.92 16.74
C GLY B 251 10.99 13.81 15.88
N GLY B 252 11.68 12.88 16.52
CA GLY B 252 12.39 11.84 15.79
C GLY B 252 11.64 10.54 15.61
N THR B 253 12.37 9.44 15.73
CA THR B 253 11.83 8.12 15.43
C THR B 253 12.22 7.08 16.48
N LEU B 254 11.22 6.40 17.03
CA LEU B 254 11.44 5.33 17.98
C LEU B 254 11.29 3.99 17.28
N LEU B 255 12.13 3.02 17.65
CA LEU B 255 12.08 1.70 17.03
C LEU B 255 11.79 0.62 18.06
N LEU B 256 10.86 -0.27 17.76
CA LEU B 256 10.65 -1.43 18.61
C LEU B 256 11.09 -2.71 17.89
N ASN B 257 12.22 -3.26 18.32
CA ASN B 257 12.68 -4.54 17.81
C ASN B 257 12.00 -5.68 18.57
N ASP B 258 11.69 -6.76 17.86
CA ASP B 258 10.90 -7.85 18.40
C ASP B 258 9.64 -7.28 19.04
N ILE B 259 8.70 -6.84 18.20
CA ILE B 259 7.56 -6.07 18.69
C ILE B 259 6.46 -6.98 19.27
N LEU B 260 6.36 -8.20 18.75
CA LEU B 260 5.37 -9.15 19.22
C LEU B 260 5.61 -9.58 20.66
N THR B 261 6.86 -9.46 21.10
CA THR B 261 7.25 -9.81 22.47
C THR B 261 6.54 -8.98 23.53
N LEU B 262 5.98 -7.85 23.13
CA LEU B 262 5.32 -6.94 24.05
C LEU B 262 4.15 -7.63 24.76
N PRO B 263 4.02 -7.39 26.08
CA PRO B 263 2.87 -7.86 26.87
C PRO B 263 1.61 -7.07 26.55
N LYS B 264 0.45 -7.72 26.63
CA LYS B 264 -0.84 -7.11 26.27
C LYS B 264 -1.02 -5.71 26.85
N SER B 265 -0.72 -5.57 28.14
CA SER B 265 -0.80 -4.29 28.83
C SER B 265 -0.02 -3.19 28.12
N GLN B 266 1.12 -3.55 27.54
CA GLN B 266 1.97 -2.59 26.86
C GLN B 266 1.54 -2.30 25.42
N GLN B 267 1.16 -3.33 24.68
CA GLN B 267 0.56 -3.14 23.35
C GLN B 267 -0.56 -2.12 23.38
N LEU B 268 -1.38 -2.20 24.43
CA LEU B 268 -2.43 -1.24 24.68
C LEU B 268 -1.85 0.16 24.68
N ASN B 269 -0.96 0.41 25.63
CA ASN B 269 -0.31 1.71 25.77
C ASN B 269 0.33 2.20 24.48
N LEU B 270 0.87 1.27 23.70
CA LEU B 270 1.40 1.59 22.38
C LEU B 270 0.29 2.16 21.51
N LEU B 271 -0.80 1.40 21.41
CA LEU B 271 -1.99 1.84 20.68
C LEU B 271 -2.54 3.15 21.25
N ARG B 272 -2.70 3.20 22.57
CA ARG B 272 -3.20 4.39 23.27
C ARG B 272 -2.40 5.63 22.86
N PHE B 273 -1.08 5.53 22.98
CA PHE B 273 -0.18 6.60 22.55
C PHE B 273 -0.32 6.93 21.06
N LEU B 274 -0.53 5.89 20.25
CA LEU B 274 -0.63 6.05 18.80
C LEU B 274 -1.90 6.82 18.39
N GLN B 275 -2.80 7.03 19.35
CA GLN B 275 -4.04 7.76 19.11
C GLN B 275 -4.01 9.17 19.69
N GLU B 276 -3.54 9.30 20.92
CA GLU B 276 -3.53 10.58 21.62
C GLU B 276 -2.26 11.39 21.35
N GLY B 277 -1.18 10.67 21.06
CA GLY B 277 0.12 11.29 20.87
C GLY B 277 0.62 11.90 22.16
N THR B 278 0.36 11.21 23.26
CA THR B 278 0.74 11.70 24.59
C THR B 278 1.44 10.63 25.41
N VAL B 279 2.44 11.04 26.18
CA VAL B 279 3.10 10.20 27.15
C VAL B 279 2.86 10.79 28.55
N GLU B 280 3.18 10.04 29.59
CA GLU B 280 3.11 10.60 30.94
C GLU B 280 4.50 10.86 31.49
N THR B 281 4.71 12.04 32.06
CA THR B 281 5.96 12.36 32.73
C THR B 281 5.69 12.72 34.18
N ARG B 282 6.71 12.63 35.03
CA ARG B 282 6.54 12.99 36.43
C ARG B 282 6.27 14.49 36.54
N GLN B 283 6.80 15.24 35.58
CA GLN B 283 6.60 16.68 35.53
C GLN B 283 5.30 17.04 34.80
N GLY B 284 4.35 16.11 34.84
CA GLY B 284 3.05 16.31 34.21
C GLY B 284 2.95 15.60 32.87
N VAL B 285 1.75 15.12 32.54
CA VAL B 285 1.52 14.46 31.26
C VAL B 285 1.83 15.41 30.12
N ARG B 286 2.73 14.99 29.22
CA ARG B 286 3.14 15.82 28.11
C ARG B 286 2.92 15.09 26.78
N ALA B 287 2.53 15.81 25.74
CA ALA B 287 2.31 15.21 24.44
C ALA B 287 3.59 15.29 23.61
N VAL B 288 3.84 14.26 22.80
CA VAL B 288 5.05 14.23 21.97
C VAL B 288 4.70 13.90 20.53
N ASP B 289 5.72 13.72 19.71
CA ASP B 289 5.54 13.44 18.29
C ASP B 289 6.60 12.44 17.80
N VAL B 290 6.27 11.16 17.82
CA VAL B 290 7.25 10.14 17.50
C VAL B 290 6.78 9.22 16.39
N ARG B 291 7.55 9.15 15.31
CA ARG B 291 7.31 8.17 14.25
C ARG B 291 7.64 6.78 14.76
N ILE B 292 6.67 5.87 14.67
CA ILE B 292 6.83 4.55 15.28
C ILE B 292 7.15 3.46 14.26
N LEU B 293 8.30 2.83 14.43
CA LEU B 293 8.67 1.69 13.61
C LEU B 293 8.70 0.43 14.46
N ALA B 294 8.49 -0.72 13.83
CA ALA B 294 8.51 -1.99 14.54
C ALA B 294 9.30 -3.05 13.79
N ALA B 295 10.13 -3.78 14.50
CA ALA B 295 10.84 -4.91 13.92
C ALA B 295 10.25 -6.24 14.41
N ASN B 296 10.29 -7.25 13.55
CA ASN B 296 9.72 -8.56 13.87
C ASN B 296 10.44 -9.66 13.08
N SER B 297 10.54 -10.85 13.66
CA SER B 297 11.22 -11.96 13.00
C SER B 297 10.45 -13.28 13.10
N SER B 298 9.49 -13.32 14.02
CA SER B 298 8.70 -14.53 14.26
C SER B 298 7.41 -14.53 13.45
N ASP B 299 6.78 -15.70 13.37
CA ASP B 299 5.52 -15.86 12.64
C ASP B 299 4.44 -14.90 13.13
N ILE B 300 4.19 -13.86 12.33
CA ILE B 300 3.28 -12.79 12.73
C ILE B 300 1.82 -13.23 12.65
N GLU B 301 1.50 -14.02 11.63
CA GLU B 301 0.14 -14.47 11.45
C GLU B 301 -0.28 -15.40 12.58
N LYS B 302 0.60 -16.35 12.91
CA LYS B 302 0.32 -17.34 13.95
C LYS B 302 0.04 -16.66 15.29
N ALA B 303 0.79 -15.60 15.59
CA ALA B 303 0.55 -14.82 16.80
C ALA B 303 -0.77 -14.07 16.71
N LEU B 304 -1.14 -13.68 15.50
CA LEU B 304 -2.37 -12.93 15.28
C LEU B 304 -3.61 -13.79 15.47
N ILE B 305 -3.68 -14.86 14.70
CA ILE B 305 -4.84 -15.76 14.70
C ILE B 305 -5.12 -16.35 16.09
N ASP B 306 -4.07 -16.77 16.80
CA ASP B 306 -4.22 -17.34 18.14
C ASP B 306 -4.77 -16.31 19.12
N GLY B 307 -4.59 -15.03 18.79
CA GLY B 307 -5.09 -13.94 19.59
C GLY B 307 -4.06 -13.45 20.61
N ASP B 308 -2.79 -13.60 20.26
CA ASP B 308 -1.71 -13.25 21.16
C ASP B 308 -1.17 -11.85 20.89
N PHE B 309 -1.60 -11.24 19.80
CA PHE B 309 -1.16 -9.89 19.44
C PHE B 309 -2.28 -9.07 18.84
N ASN B 310 -2.64 -7.99 19.53
CA ASN B 310 -3.71 -7.09 19.14
C ASN B 310 -3.71 -6.69 17.66
N GLU B 311 -4.81 -7.00 16.97
CA GLU B 311 -4.90 -6.79 15.53
C GLU B 311 -5.02 -5.32 15.19
N GLU B 312 -5.74 -4.57 16.01
CA GLU B 312 -5.90 -3.14 15.85
C GLU B 312 -4.55 -2.42 15.92
N LEU B 313 -3.69 -2.90 16.82
CA LEU B 313 -2.31 -2.39 16.92
C LEU B 313 -1.51 -2.71 15.66
N TYR B 314 -1.63 -3.96 15.21
CA TYR B 314 -0.94 -4.42 14.01
C TYR B 314 -1.22 -3.54 12.80
N HIS B 315 -2.48 -3.13 12.65
CA HIS B 315 -2.86 -2.34 11.49
C HIS B 315 -2.31 -0.92 11.55
N TYR B 316 -2.19 -0.38 12.75
CA TYR B 316 -1.60 0.94 12.92
C TYR B 316 -0.11 0.93 12.59
N ILE B 317 0.51 -0.24 12.66
CA ILE B 317 1.95 -0.34 12.47
C ILE B 317 2.31 -0.89 11.09
N ASN B 318 1.41 -1.68 10.51
CA ASN B 318 1.66 -2.27 9.20
C ASN B 318 1.25 -1.36 8.04
N VAL B 319 1.24 -0.04 8.27
CA VAL B 319 0.87 0.92 7.23
C VAL B 319 1.77 0.77 6.00
N LEU B 320 3.05 0.51 6.24
CA LEU B 320 3.98 0.16 5.17
C LEU B 320 4.89 -0.98 5.59
N ARG B 321 5.33 -1.79 4.63
CA ARG B 321 6.21 -2.91 4.93
C ARG B 321 7.52 -2.82 4.16
N ILE B 322 8.57 -3.29 4.80
CA ILE B 322 9.87 -3.43 4.16
C ILE B 322 10.46 -4.79 4.55
N ASN B 323 10.92 -5.55 3.56
CA ASN B 323 11.49 -6.86 3.84
C ASN B 323 13.01 -6.82 3.69
N VAL B 324 13.71 -7.01 4.80
CA VAL B 324 15.16 -7.04 4.78
C VAL B 324 15.59 -8.48 4.47
N PRO B 325 16.21 -8.68 3.30
CA PRO B 325 16.53 -10.02 2.78
C PRO B 325 17.63 -10.74 3.53
N SER B 326 17.38 -12.00 3.89
CA SER B 326 18.41 -12.86 4.46
C SER B 326 19.62 -12.97 3.53
N LEU B 327 20.79 -13.20 4.11
CA LEU B 327 22.02 -13.40 3.35
C LEU B 327 21.85 -14.44 2.25
N LYS B 328 21.07 -15.47 2.54
CA LYS B 328 20.71 -16.50 1.58
C LYS B 328 20.27 -15.90 0.24
N GLU B 329 19.53 -14.80 0.31
CA GLU B 329 19.00 -14.14 -0.88
C GLU B 329 20.09 -13.35 -1.61
N ARG B 330 20.92 -12.63 -0.85
CA ARG B 330 22.02 -11.87 -1.44
C ARG B 330 23.33 -12.63 -1.28
N ALA B 331 23.47 -13.76 -1.96
CA ALA B 331 24.65 -14.62 -1.79
C ALA B 331 25.94 -13.94 -2.23
N SER B 332 25.86 -13.15 -3.29
CA SER B 332 27.03 -12.45 -3.82
C SER B 332 27.52 -11.36 -2.88
N ASP B 333 26.67 -10.98 -1.94
CA ASP B 333 26.98 -9.91 -0.99
C ASP B 333 27.90 -10.34 0.15
N ILE B 334 27.95 -11.65 0.42
CA ILE B 334 28.73 -12.17 1.54
C ILE B 334 30.20 -11.81 1.42
N VAL B 335 30.77 -12.01 0.23
CA VAL B 335 32.19 -11.76 0.00
C VAL B 335 32.54 -10.29 0.19
N LEU B 336 31.66 -9.39 -0.23
CA LEU B 336 31.90 -7.97 -0.06
C LEU B 336 31.72 -7.61 1.40
N LEU B 337 30.82 -8.35 2.06
CA LEU B 337 30.55 -8.14 3.47
C LEU B 337 31.74 -8.63 4.29
N ALA B 338 32.14 -9.87 4.05
CA ALA B 338 33.28 -10.47 4.75
C ALA B 338 34.54 -9.61 4.61
N LYS B 339 34.80 -9.15 3.39
CA LYS B 339 35.99 -8.35 3.12
C LYS B 339 35.93 -7.04 3.87
N HIS B 340 34.75 -6.44 3.86
CA HIS B 340 34.53 -5.18 4.56
C HIS B 340 34.70 -5.37 6.07
N PHE B 341 34.25 -6.51 6.59
CA PHE B 341 34.35 -6.77 8.02
C PHE B 341 35.79 -7.08 8.42
N LEU B 342 36.48 -7.83 7.57
CA LEU B 342 37.90 -8.07 7.78
C LEU B 342 38.69 -6.77 7.82
N GLN B 343 38.53 -5.94 6.78
CA GLN B 343 39.23 -4.67 6.71
C GLN B 343 38.90 -3.80 7.91
N GLU B 344 37.65 -3.90 8.37
CA GLU B 344 37.20 -3.07 9.48
C GLU B 344 37.80 -3.57 10.79
N TYR B 345 37.66 -4.87 11.05
CA TYR B 345 38.11 -5.44 12.32
C TYR B 345 39.64 -5.48 12.44
N SER B 346 40.32 -5.82 11.34
CA SER B 346 41.78 -5.92 11.35
C SER B 346 42.46 -4.58 11.62
N LYS B 347 42.02 -3.54 10.91
CA LYS B 347 42.58 -2.20 11.08
C LYS B 347 42.22 -1.59 12.44
N GLU B 348 41.28 -2.22 13.14
CA GLU B 348 40.81 -1.74 14.43
C GLU B 348 41.53 -2.41 15.60
N TYR B 349 41.92 -3.66 15.41
CA TYR B 349 42.49 -4.46 16.49
C TYR B 349 43.99 -4.70 16.29
N ASN B 350 44.65 -3.82 15.55
CA ASN B 350 46.08 -3.91 15.25
C ASN B 350 46.43 -5.22 14.52
N ALA B 351 45.42 -5.95 14.08
CA ALA B 351 45.61 -7.29 13.54
C ALA B 351 46.38 -7.32 12.23
N GLN B 352 46.88 -8.51 11.89
CA GLN B 352 47.72 -8.71 10.73
C GLN B 352 46.94 -8.92 9.43
N ALA B 353 45.87 -9.69 9.52
CA ALA B 353 45.10 -10.12 8.35
C ALA B 353 44.74 -8.96 7.42
N ARG B 354 44.82 -9.22 6.11
CA ARG B 354 44.54 -8.20 5.11
C ARG B 354 43.59 -8.70 4.03
N SER B 355 43.49 -10.02 3.88
CA SER B 355 42.63 -10.60 2.85
C SER B 355 42.30 -12.07 3.11
N PHE B 356 41.36 -12.59 2.34
CA PHE B 356 41.00 -14.01 2.39
C PHE B 356 41.69 -14.78 1.28
N SER B 357 42.12 -16.00 1.58
CA SER B 357 42.55 -16.90 0.52
C SER B 357 41.33 -17.21 -0.34
N ASP B 358 41.57 -17.52 -1.61
CA ASP B 358 40.48 -17.92 -2.50
C ASP B 358 39.70 -19.10 -1.92
N ASP B 359 40.41 -19.96 -1.19
CA ASP B 359 39.81 -21.04 -0.42
C ASP B 359 38.70 -20.56 0.51
N ALA B 360 38.99 -19.50 1.26
CA ALA B 360 38.06 -18.98 2.24
C ALA B 360 36.82 -18.39 1.58
N VAL B 361 37.04 -17.55 0.56
CA VAL B 361 35.97 -16.90 -0.17
C VAL B 361 35.00 -17.92 -0.76
N ARG B 362 35.54 -18.86 -1.53
CA ARG B 362 34.74 -19.90 -2.18
C ARG B 362 34.05 -20.79 -1.14
N GLY B 363 34.48 -20.68 0.10
CA GLY B 363 33.87 -21.40 1.20
C GLY B 363 32.94 -20.51 2.00
N LEU B 364 33.17 -19.21 1.94
CA LEU B 364 32.40 -18.25 2.73
C LEU B 364 30.96 -18.12 2.22
N THR B 365 30.76 -18.47 0.95
CA THR B 365 29.44 -18.36 0.34
C THR B 365 28.66 -19.67 0.50
N ARG B 366 29.40 -20.77 0.64
CA ARG B 366 28.80 -22.10 0.77
C ARG B 366 28.05 -22.24 2.10
N TYR B 367 28.50 -21.49 3.10
CA TYR B 367 27.87 -21.51 4.41
C TYR B 367 26.42 -21.00 4.32
N HIS B 368 25.54 -21.53 5.16
CA HIS B 368 24.13 -21.19 5.07
C HIS B 368 23.80 -19.87 5.77
N TRP B 369 24.54 -19.57 6.83
CA TRP B 369 24.39 -18.33 7.59
C TRP B 369 22.98 -18.10 8.12
N PRO B 370 22.62 -18.79 9.21
CA PRO B 370 21.33 -18.58 9.88
C PRO B 370 21.20 -17.19 10.50
N GLY B 371 22.23 -16.76 11.23
CA GLY B 371 22.20 -15.46 11.88
C GLY B 371 22.54 -14.33 10.93
N ASN B 372 22.79 -14.70 9.67
CA ASN B 372 23.04 -13.76 8.60
C ASN B 372 24.19 -12.80 8.87
N VAL B 373 23.94 -11.51 8.70
CA VAL B 373 24.99 -10.50 8.77
C VAL B 373 25.58 -10.42 10.18
N ARG B 374 24.76 -10.67 11.20
CA ARG B 374 25.24 -10.75 12.58
C ARG B 374 26.23 -11.90 12.78
N GLU B 375 25.79 -13.11 12.44
CA GLU B 375 26.65 -14.30 12.51
C GLU B 375 27.93 -14.12 11.71
N LEU B 376 27.86 -13.32 10.65
CA LEU B 376 29.02 -13.06 9.81
C LEU B 376 30.06 -12.18 10.48
N MET B 377 29.62 -11.05 11.05
CA MET B 377 30.55 -10.16 11.71
C MET B 377 31.18 -10.84 12.94
N ASN B 378 30.35 -11.50 13.73
CA ASN B 378 30.80 -12.14 14.97
C ASN B 378 31.85 -13.20 14.69
N GLN B 379 31.63 -14.00 13.67
CA GLN B 379 32.57 -15.07 13.33
C GLN B 379 33.87 -14.52 12.77
N ILE B 380 33.79 -13.42 12.03
CA ILE B 380 35.00 -12.79 11.49
C ILE B 380 35.77 -12.10 12.61
N LYS B 381 35.03 -11.40 13.48
CA LYS B 381 35.60 -10.81 14.69
C LYS B 381 36.40 -11.85 15.46
N ARG B 382 35.85 -13.05 15.60
CA ARG B 382 36.57 -14.13 16.25
C ARG B 382 37.79 -14.54 15.47
N VAL B 383 37.65 -14.71 14.16
CA VAL B 383 38.76 -15.18 13.34
C VAL B 383 39.92 -14.19 13.33
N VAL B 384 39.60 -12.91 13.15
CA VAL B 384 40.61 -11.87 13.17
C VAL B 384 41.36 -11.82 14.50
N LEU B 385 40.62 -11.79 15.59
CA LEU B 385 41.20 -11.75 16.94
C LEU B 385 42.03 -12.97 17.29
N MET B 386 41.95 -14.00 16.47
CA MET B 386 42.67 -15.25 16.74
C MET B 386 43.75 -15.51 15.69
N SER B 387 43.34 -15.56 14.42
CA SER B 387 44.25 -15.85 13.32
C SER B 387 45.47 -14.93 13.30
N ASP B 388 46.64 -15.51 13.03
CA ASP B 388 47.89 -14.77 13.09
C ASP B 388 48.48 -14.47 11.70
N THR B 389 47.89 -15.06 10.66
CA THR B 389 48.40 -14.88 9.30
C THR B 389 47.97 -13.53 8.71
N VAL B 390 48.45 -13.23 7.51
CA VAL B 390 48.04 -12.03 6.80
C VAL B 390 46.94 -12.36 5.80
N VAL B 391 46.97 -13.59 5.29
CA VAL B 391 45.89 -14.12 4.47
C VAL B 391 45.16 -15.19 5.25
N LEU B 392 43.84 -15.08 5.35
CA LEU B 392 43.05 -16.03 6.11
C LEU B 392 42.56 -17.15 5.21
N ASP B 393 42.81 -18.39 5.64
CA ASP B 393 42.37 -19.55 4.86
C ASP B 393 41.10 -20.16 5.44
N GLU B 394 40.45 -21.01 4.66
CA GLU B 394 39.20 -21.64 5.04
C GLU B 394 39.31 -22.41 6.37
N SER B 395 40.50 -22.90 6.68
CA SER B 395 40.70 -23.69 7.89
C SER B 395 40.79 -22.82 9.15
N GLN B 396 40.97 -21.53 8.96
CA GLN B 396 41.05 -20.59 10.09
C GLN B 396 39.67 -20.03 10.42
N LEU B 397 38.68 -20.36 9.58
CA LEU B 397 37.35 -19.80 9.71
C LEU B 397 36.42 -20.56 10.68
N ASP B 398 35.61 -21.46 10.11
CA ASP B 398 34.50 -22.06 10.84
C ASP B 398 34.87 -22.90 12.06
N LEU B 399 35.98 -23.61 11.98
CA LEU B 399 36.39 -24.48 13.08
C LEU B 399 36.82 -23.67 14.30
PG GTP C . -9.15 -18.21 -3.31
O1G GTP C . -9.03 -17.55 -1.94
O2G GTP C . -9.21 -17.14 -4.36
O3G GTP C . -7.93 -19.14 -3.55
O3B GTP C . -10.52 -19.06 -3.36
PB GTP C . -11.87 -18.30 -3.12
O1B GTP C . -12.13 -17.41 -4.30
O2B GTP C . -11.68 -17.44 -1.84
O3A GTP C . -13.06 -19.37 -2.95
PA GTP C . -14.46 -19.07 -2.32
O1A GTP C . -14.34 -18.04 -1.22
O2A GTP C . -15.04 -20.35 -1.75
O5' GTP C . -15.42 -18.52 -3.46
C5' GTP C . -15.09 -18.84 -4.84
C4' GTP C . -15.39 -20.18 -5.11
O4' GTP C . -16.78 -20.31 -5.64
C3' GTP C . -14.47 -20.71 -6.30
O3' GTP C . -13.26 -21.42 -5.75
C2' GTP C . -15.18 -21.50 -6.96
O2' GTP C . -14.78 -22.88 -6.67
C1' GTP C . -16.73 -21.27 -6.53
N9 GTP C . -17.49 -20.87 -7.68
C8 GTP C . -17.07 -20.91 -8.99
N7 GTP C . -18.11 -20.45 -9.75
C5 GTP C . -19.15 -20.13 -8.91
C6 GTP C . -20.53 -19.59 -9.17
O6 GTP C . -20.88 -19.36 -10.27
N1 GTP C . -21.40 -19.36 -8.11
C2 GTP C . -20.98 -19.64 -6.76
N2 GTP C . -21.87 -19.41 -5.66
N3 GTP C . -19.67 -20.16 -6.51
C4 GTP C . -18.77 -20.41 -7.62
PG GTP D . 18.65 -6.93 13.46
O1G GTP D . 18.16 -5.53 13.15
O2G GTP D . 17.90 -7.49 14.64
O3G GTP D . 18.42 -7.84 12.24
O3B GTP D . 20.23 -6.87 13.81
PB GTP D . 21.33 -6.39 12.80
O1B GTP D . 21.06 -4.98 12.37
O2B GTP D . 21.31 -7.35 11.54
O3A GTP D . 22.80 -6.48 13.47
PA GTP D . 23.95 -5.47 13.13
O1A GTP D . 24.01 -5.26 11.62
O2A GTP D . 25.28 -6.05 13.60
O5' GTP D . 23.68 -4.07 13.85
C5' GTP D . 23.12 -4.04 15.20
C4' GTP D . 23.83 -3.14 16.01
O4' GTP D . 23.02 -1.94 16.35
C3' GTP D . 24.17 -3.81 17.43
O3' GTP D . 25.64 -4.05 17.56
C2' GTP D . 23.78 -3.00 18.29
O2' GTP D . 24.80 -2.83 19.33
C1' GTP D . 23.51 -1.58 17.52
N9 GTP D . 22.60 -0.75 18.27
C8 GTP D . 21.67 -1.19 19.18
N7 GTP D . 21.03 -0.08 19.64
C5 GTP D . 21.55 1.01 19.02
C6 GTP D . 21.22 2.49 19.14
O6 GTP D . 20.39 2.85 19.88
N1 GTP D . 21.93 3.42 18.38
C2 GTP D . 22.96 2.96 17.47
N2 GTP D . 23.69 3.91 16.69
N3 GTP D . 23.26 1.56 17.37
C4 GTP D . 22.54 0.60 18.16
#